data_7MOZ
#
_entry.id   7MOZ
#
_cell.length_a   92.478
_cell.length_b   98.989
_cell.length_c   139.489
_cell.angle_alpha   90.000
_cell.angle_beta   90.000
_cell.angle_gamma   90.000
#
_symmetry.space_group_name_H-M   'P 21 21 21'
#
loop_
_entity.id
_entity.type
_entity.pdbx_description
1 polymer 'Histone deacetylase 2'
2 non-polymer 'ZINC ION'
3 non-polymer 'SULFATE ION'
4 non-polymer 'CALCIUM ION'
5 non-polymer DI(HYDROXYETHYL)ETHER
6 non-polymer '(1R,3S,6S,18R,27R)-6-(6,6-dihydroxyoctyl)-5,8,18,27,34-pentaazahexacyclo[25.2.2.1~7,10~.1~11,15~.1~14,18~.0~1,3~]tetratriaconta-7,9,11(33),12,14,16-hexaene-4,32-dione (non-preferred name)'
7 water water
#
_entity_poly.entity_id   1
_entity_poly.type   'polypeptide(L)'
_entity_poly.pdbx_seq_one_letter_code
;MAYSQGGGKKKVCYYYDGDIGNYYYGQGHPMKPHRIRMTHNLLLNYGLYRKMEIYRPHKATAEEMTKYHSDEYIKFLRSI
RPDNMSEYSKQMQRFNVGEDCPVFDGLFEFCQLSTGGSVAGAVKLNRQQTDMAVNWAGGLHHAKKSEASGFCYVNDIVLA
ILELLKYHQRVLYIDIDIHHGDGVEEAFYTTDRVMTVSFHKYGEYFPGTGDLRDIGAGKGKYYAVNFPMRDGIDDESYGQ
IFKPIISKVMEMYQPSAVVLQCGADSLSGDRLGCFNLTVKGHAKCVEVVKTFNLPLLMLGGGGYTIRNVARCWTYETAVA
LDCEIPNELPYNDYFEYFGPDFKLHISPSNMTNQNTPEYMEKIKQRLFENLRMLPH
;
_entity_poly.pdbx_strand_id   A,B,C
#
# COMPACT_ATOMS: atom_id res chain seq x y z
N GLY A 8 25.13 16.72 -24.20
CA GLY A 8 24.73 17.01 -25.56
C GLY A 8 24.45 15.76 -26.37
N LYS A 9 24.53 15.87 -27.71
CA LYS A 9 24.28 14.73 -28.60
C LYS A 9 25.45 13.76 -28.53
N LYS A 10 25.13 12.47 -28.53
CA LYS A 10 26.12 11.42 -28.34
C LYS A 10 26.46 10.56 -29.55
N LYS A 11 27.61 9.90 -29.47
CA LYS A 11 28.02 8.99 -30.52
C LYS A 11 27.27 7.67 -30.23
N VAL A 12 26.56 7.14 -31.23
CA VAL A 12 25.82 5.89 -31.07
C VAL A 12 26.33 4.87 -32.05
N CYS A 13 26.68 3.68 -31.55
CA CYS A 13 27.12 2.56 -32.37
C CYS A 13 26.02 1.51 -32.29
N TYR A 14 25.65 0.96 -33.42
CA TYR A 14 24.53 0.03 -33.53
C TYR A 14 25.00 -1.28 -34.13
N TYR A 15 24.60 -2.40 -33.53
CA TYR A 15 25.04 -3.72 -33.94
C TYR A 15 23.91 -4.51 -34.57
N TYR A 16 24.13 -5.04 -35.77
CA TYR A 16 23.11 -5.78 -36.47
C TYR A 16 23.72 -6.71 -37.51
N ASP A 17 23.21 -7.94 -37.58
CA ASP A 17 23.61 -8.90 -38.62
C ASP A 17 22.36 -9.16 -39.45
N GLY A 18 22.46 -8.96 -40.78
CA GLY A 18 21.37 -9.16 -41.73
C GLY A 18 20.78 -10.55 -41.75
N ASP A 19 21.49 -11.54 -41.20
CA ASP A 19 20.97 -12.91 -41.12
C ASP A 19 20.08 -13.15 -39.91
N ILE A 20 20.12 -12.25 -38.91
CA ILE A 20 19.37 -12.46 -37.67
C ILE A 20 17.87 -12.75 -37.86
N GLY A 21 17.24 -12.09 -38.81
CA GLY A 21 15.81 -12.26 -39.03
C GLY A 21 15.39 -13.59 -39.61
N ASN A 22 16.37 -14.37 -40.09
CA ASN A 22 16.07 -15.67 -40.68
C ASN A 22 15.96 -16.82 -39.67
N TYR A 23 16.40 -16.61 -38.41
CA TYR A 23 16.32 -17.67 -37.40
C TYR A 23 14.86 -17.81 -37.01
N TYR A 24 14.38 -19.05 -36.94
CA TYR A 24 12.97 -19.32 -36.70
C TYR A 24 12.79 -20.33 -35.58
N TYR A 25 12.12 -19.90 -34.52
CA TYR A 25 11.90 -20.76 -33.37
C TYR A 25 10.86 -21.87 -33.64
N GLY A 26 10.09 -21.78 -34.72
CA GLY A 26 9.08 -22.80 -35.01
C GLY A 26 7.67 -22.27 -35.05
N GLN A 27 6.76 -23.00 -35.73
CA GLN A 27 5.35 -22.61 -35.86
C GLN A 27 4.69 -22.39 -34.50
N GLY A 28 4.07 -21.24 -34.33
CA GLY A 28 3.37 -20.89 -33.11
C GLY A 28 4.25 -20.31 -32.00
N HIS A 29 5.59 -20.44 -32.11
CA HIS A 29 6.45 -19.90 -31.05
C HIS A 29 6.38 -18.37 -31.09
N PRO A 30 6.10 -17.73 -29.94
CA PRO A 30 5.96 -16.26 -29.96
C PRO A 30 7.23 -15.47 -30.27
N MET A 31 8.41 -16.04 -30.00
CA MET A 31 9.67 -15.34 -30.24
C MET A 31 9.98 -15.33 -31.72
N LYS A 32 10.05 -14.12 -32.30
CA LYS A 32 10.27 -13.97 -33.73
C LYS A 32 11.43 -13.07 -34.06
N PRO A 33 12.61 -13.65 -34.34
CA PRO A 33 13.78 -12.82 -34.66
C PRO A 33 13.57 -11.87 -35.84
N HIS A 34 12.59 -12.15 -36.70
CA HIS A 34 12.24 -11.29 -37.84
C HIS A 34 11.91 -9.85 -37.35
N ARG A 35 11.41 -9.70 -36.09
CA ARG A 35 11.12 -8.36 -35.57
C ARG A 35 12.39 -7.46 -35.52
N ILE A 36 13.59 -8.06 -35.40
N ILE A 36 13.59 -8.04 -35.39
CA ILE A 36 14.89 -7.35 -35.39
CA ILE A 36 14.83 -7.26 -35.38
C ILE A 36 15.15 -6.78 -36.81
C ILE A 36 15.07 -6.73 -36.81
N ARG A 37 14.81 -7.54 -37.85
CA ARG A 37 14.94 -7.10 -39.23
C ARG A 37 13.88 -6.01 -39.54
N MET A 38 12.63 -6.15 -39.02
CA MET A 38 11.62 -5.11 -39.22
C MET A 38 12.10 -3.79 -38.57
N THR A 39 12.68 -3.88 -37.35
CA THR A 39 13.19 -2.70 -36.67
C THR A 39 14.28 -2.03 -37.52
N HIS A 40 15.24 -2.84 -38.00
CA HIS A 40 16.34 -2.33 -38.82
C HIS A 40 15.82 -1.64 -40.08
N ASN A 41 14.87 -2.29 -40.77
CA ASN A 41 14.36 -1.72 -42.02
C ASN A 41 13.60 -0.43 -41.78
N LEU A 42 12.86 -0.36 -40.66
CA LEU A 42 12.12 0.85 -40.35
C LEU A 42 13.08 1.99 -40.02
N LEU A 43 14.10 1.70 -39.19
CA LEU A 43 15.03 2.77 -38.83
C LEU A 43 15.86 3.22 -40.06
N LEU A 44 16.15 2.29 -41.00
CA LEU A 44 16.85 2.66 -42.23
C LEU A 44 15.96 3.60 -43.07
N ASN A 45 14.64 3.28 -43.20
CA ASN A 45 13.74 4.11 -43.99
C ASN A 45 13.44 5.48 -43.34
N TYR A 46 13.69 5.62 -42.03
CA TYR A 46 13.54 6.91 -41.36
C TYR A 46 14.86 7.75 -41.56
N GLY A 47 15.92 7.15 -42.09
CA GLY A 47 17.20 7.81 -42.29
C GLY A 47 18.08 7.84 -41.06
N LEU A 48 17.79 7.01 -40.05
CA LEU A 48 18.60 7.00 -38.82
C LEU A 48 20.03 6.39 -39.01
N TYR A 49 20.30 5.80 -40.20
CA TYR A 49 21.61 5.23 -40.52
CA TYR A 49 21.59 5.21 -40.57
C TYR A 49 22.66 6.32 -40.75
N ARG A 50 22.24 7.52 -41.20
CA ARG A 50 23.16 8.62 -41.43
C ARG A 50 23.71 9.24 -40.14
N LYS A 51 23.19 8.83 -38.99
CA LYS A 51 23.61 9.38 -37.73
C LYS A 51 24.32 8.37 -36.81
N MET A 52 24.36 7.08 -37.17
CA MET A 52 25.01 6.07 -36.31
C MET A 52 26.12 5.34 -37.00
N GLU A 53 27.02 4.74 -36.21
CA GLU A 53 28.06 3.89 -36.77
C GLU A 53 27.42 2.50 -36.74
N ILE A 54 27.19 1.87 -37.89
CA ILE A 54 26.56 0.55 -37.94
C ILE A 54 27.61 -0.53 -38.08
N TYR A 55 27.63 -1.49 -37.17
CA TYR A 55 28.58 -2.59 -37.17
C TYR A 55 27.88 -3.94 -37.23
N ARG A 56 28.52 -4.94 -37.85
CA ARG A 56 28.02 -6.31 -37.92
C ARG A 56 28.78 -7.04 -36.82
N PRO A 57 28.09 -7.58 -35.82
CA PRO A 57 28.81 -8.25 -34.72
C PRO A 57 29.51 -9.51 -35.18
N HIS A 58 30.60 -9.86 -34.50
CA HIS A 58 31.25 -11.12 -34.80
C HIS A 58 30.40 -12.25 -34.18
N LYS A 59 30.65 -13.49 -34.59
CA LYS A 59 29.97 -14.64 -33.99
C LYS A 59 30.76 -14.95 -32.71
N ALA A 60 30.18 -14.68 -31.53
CA ALA A 60 30.87 -14.94 -30.26
C ALA A 60 31.29 -16.41 -30.16
N THR A 61 32.51 -16.65 -29.68
CA THR A 61 32.99 -18.03 -29.61
C THR A 61 32.47 -18.74 -28.39
N ALA A 62 32.50 -20.10 -28.40
CA ALA A 62 32.11 -20.92 -27.24
C ALA A 62 32.93 -20.48 -26.01
N GLU A 63 34.21 -20.13 -26.23
CA GLU A 63 35.13 -19.63 -25.22
C GLU A 63 34.66 -18.30 -24.61
N GLU A 64 34.15 -17.36 -25.43
CA GLU A 64 33.63 -16.08 -24.92
C GLU A 64 32.40 -16.40 -24.05
N MET A 65 31.56 -17.34 -24.49
CA MET A 65 30.36 -17.71 -23.74
C MET A 65 30.67 -18.39 -22.42
N THR A 66 31.80 -19.13 -22.36
CA THR A 66 32.15 -19.83 -21.12
C THR A 66 32.76 -18.90 -20.08
N LYS A 67 32.82 -17.57 -20.34
CA LYS A 67 33.23 -16.64 -19.28
C LYS A 67 32.10 -16.64 -18.20
N TYR A 68 30.88 -17.11 -18.54
CA TYR A 68 29.77 -17.24 -17.61
C TYR A 68 29.23 -18.66 -17.62
N HIS A 69 28.82 -19.16 -18.80
CA HIS A 69 28.18 -20.45 -18.89
C HIS A 69 29.11 -21.64 -18.72
N SER A 70 28.55 -22.78 -18.27
CA SER A 70 29.38 -23.98 -18.09
C SER A 70 29.87 -24.51 -19.43
N ASP A 71 31.04 -25.15 -19.42
CA ASP A 71 31.58 -25.75 -20.64
C ASP A 71 30.65 -26.81 -21.21
N GLU A 72 30.04 -27.64 -20.34
CA GLU A 72 29.13 -28.68 -20.82
C GLU A 72 27.89 -28.12 -21.48
N TYR A 73 27.36 -27.00 -20.95
CA TYR A 73 26.16 -26.41 -21.52
C TYR A 73 26.46 -25.79 -22.88
N ILE A 74 27.55 -25.06 -23.00
CA ILE A 74 27.91 -24.44 -24.28
C ILE A 74 28.26 -25.53 -25.30
N LYS A 75 28.92 -26.62 -24.87
CA LYS A 75 29.23 -27.72 -25.82
C LYS A 75 27.95 -28.33 -26.36
N PHE A 76 26.93 -28.49 -25.49
CA PHE A 76 25.63 -28.99 -25.89
C PHE A 76 24.99 -28.06 -26.91
N LEU A 77 24.97 -26.74 -26.65
CA LEU A 77 24.36 -25.79 -27.58
C LEU A 77 25.02 -25.82 -28.96
N ARG A 78 26.33 -25.98 -28.98
CA ARG A 78 27.14 -26.02 -30.21
C ARG A 78 26.96 -27.35 -30.98
N SER A 79 26.47 -28.41 -30.31
CA SER A 79 26.29 -29.74 -30.89
C SER A 79 24.87 -30.14 -31.32
N ILE A 80 23.85 -29.70 -30.57
CA ILE A 80 22.48 -30.09 -30.87
C ILE A 80 21.90 -29.45 -32.12
N ARG A 81 21.15 -30.24 -32.91
CA ARG A 81 20.49 -29.83 -34.14
C ARG A 81 19.15 -30.59 -34.25
N PRO A 82 18.16 -30.10 -35.02
CA PRO A 82 16.91 -30.85 -35.15
C PRO A 82 17.11 -32.30 -35.65
N ASP A 83 18.12 -32.53 -36.52
CA ASP A 83 18.37 -33.87 -37.07
C ASP A 83 19.03 -34.85 -36.11
N ASN A 84 19.63 -34.37 -35.02
CA ASN A 84 20.28 -35.25 -34.06
C ASN A 84 19.67 -35.18 -32.65
N MET A 85 18.58 -34.40 -32.45
CA MET A 85 17.90 -34.24 -31.16
C MET A 85 17.61 -35.55 -30.47
N SER A 86 17.22 -36.59 -31.24
CA SER A 86 16.87 -37.90 -30.69
C SER A 86 17.97 -38.49 -29.82
N GLU A 87 19.23 -38.18 -30.11
CA GLU A 87 20.37 -38.69 -29.35
C GLU A 87 20.71 -37.86 -28.10
N TYR A 88 20.00 -36.73 -27.88
CA TYR A 88 20.29 -35.84 -26.76
C TYR A 88 19.12 -35.67 -25.79
N SER A 89 18.17 -36.63 -25.77
CA SER A 89 17.01 -36.52 -24.88
C SER A 89 17.38 -36.28 -23.42
N LYS A 90 18.50 -36.87 -22.95
CA LYS A 90 18.96 -36.70 -21.56
C LYS A 90 19.47 -35.27 -21.31
N GLN A 91 20.38 -34.78 -22.17
CA GLN A 91 20.91 -33.43 -22.03
C GLN A 91 19.84 -32.36 -22.25
N MET A 92 18.86 -32.60 -23.13
CA MET A 92 17.78 -31.63 -23.36
C MET A 92 17.00 -31.37 -22.06
N GLN A 93 16.76 -32.44 -21.29
CA GLN A 93 16.05 -32.29 -20.02
C GLN A 93 16.91 -31.54 -19.01
N ARG A 94 18.19 -31.89 -18.93
CA ARG A 94 19.14 -31.29 -18.02
C ARG A 94 19.32 -29.78 -18.28
N PHE A 95 19.27 -29.40 -19.55
CA PHE A 95 19.49 -27.99 -19.95
C PHE A 95 18.20 -27.20 -20.26
N ASN A 96 17.03 -27.80 -20.00
CA ASN A 96 15.74 -27.16 -20.21
C ASN A 96 15.46 -26.77 -21.65
N VAL A 97 15.83 -27.65 -22.57
CA VAL A 97 15.54 -27.44 -23.97
C VAL A 97 14.24 -28.20 -24.22
N GLY A 98 13.22 -27.49 -24.69
CA GLY A 98 11.88 -28.03 -24.91
C GLY A 98 11.01 -27.03 -25.62
N GLU A 99 9.70 -26.94 -25.29
CA GLU A 99 8.77 -26.03 -25.93
C GLU A 99 9.14 -24.57 -25.87
N ASP A 100 9.49 -24.05 -24.67
CA ASP A 100 9.84 -22.63 -24.56
C ASP A 100 11.18 -22.36 -25.24
N CYS A 101 12.15 -23.28 -25.09
CA CYS A 101 13.50 -23.10 -25.63
C CYS A 101 13.75 -24.26 -26.57
N PRO A 102 13.16 -24.21 -27.77
CA PRO A 102 13.31 -25.33 -28.70
C PRO A 102 14.63 -25.40 -29.42
N VAL A 103 14.88 -26.57 -30.01
CA VAL A 103 16.04 -26.77 -30.85
C VAL A 103 15.54 -26.30 -32.24
N PHE A 104 16.28 -25.41 -32.87
CA PHE A 104 15.94 -24.95 -34.22
C PHE A 104 17.18 -24.86 -35.07
N ASP A 105 17.02 -24.87 -36.39
CA ASP A 105 18.17 -24.79 -37.30
C ASP A 105 18.92 -23.48 -37.05
N GLY A 106 20.22 -23.58 -36.81
CA GLY A 106 21.08 -22.42 -36.58
C GLY A 106 20.98 -21.83 -35.19
N LEU A 107 20.44 -22.59 -34.22
CA LEU A 107 20.31 -22.11 -32.84
C LEU A 107 21.64 -21.53 -32.29
N PHE A 108 22.74 -22.27 -32.45
CA PHE A 108 24.01 -21.80 -31.94
C PHE A 108 24.44 -20.50 -32.61
N GLU A 109 24.30 -20.40 -33.95
CA GLU A 109 24.67 -19.16 -34.65
C GLU A 109 23.82 -17.98 -34.19
N PHE A 110 22.52 -18.22 -33.92
CA PHE A 110 21.65 -17.16 -33.41
C PHE A 110 22.21 -16.68 -32.04
N CYS A 111 22.62 -17.62 -31.17
CA CYS A 111 23.20 -17.23 -29.87
C CYS A 111 24.50 -16.44 -30.07
N GLN A 112 25.33 -16.89 -31.04
CA GLN A 112 26.59 -16.22 -31.31
C GLN A 112 26.40 -14.77 -31.78
N LEU A 113 25.37 -14.51 -32.59
CA LEU A 113 25.12 -13.15 -33.11
C LEU A 113 24.50 -12.28 -32.04
N SER A 114 23.54 -12.85 -31.26
CA SER A 114 22.90 -12.09 -30.18
C SER A 114 23.98 -11.67 -29.16
N THR A 115 24.85 -12.63 -28.80
CA THR A 115 25.91 -12.40 -27.84
C THR A 115 27.00 -11.50 -28.38
N GLY A 116 27.40 -11.73 -29.63
CA GLY A 116 28.44 -10.94 -30.26
C GLY A 116 28.15 -9.45 -30.26
N GLY A 117 26.89 -9.09 -30.50
CA GLY A 117 26.54 -7.66 -30.51
C GLY A 117 26.66 -7.04 -29.12
N SER A 118 26.26 -7.79 -28.07
CA SER A 118 26.32 -7.24 -26.72
C SER A 118 27.75 -7.11 -26.22
N VAL A 119 28.57 -8.14 -26.45
N VAL A 119 28.59 -8.15 -26.43
CA VAL A 119 29.97 -8.09 -26.03
CA VAL A 119 29.98 -8.07 -25.99
C VAL A 119 30.73 -7.05 -26.83
C VAL A 119 30.77 -7.07 -26.84
N ALA A 120 30.52 -6.99 -28.17
CA ALA A 120 31.21 -5.99 -29.01
C ALA A 120 30.84 -4.57 -28.55
N GLY A 121 29.57 -4.35 -28.22
CA GLY A 121 29.13 -3.05 -27.72
C GLY A 121 29.81 -2.69 -26.41
N ALA A 122 29.96 -3.68 -25.52
CA ALA A 122 30.63 -3.45 -24.24
C ALA A 122 32.10 -3.13 -24.46
N VAL A 123 32.76 -3.80 -25.42
CA VAL A 123 34.18 -3.52 -25.70
C VAL A 123 34.31 -2.07 -26.21
N LYS A 124 33.42 -1.66 -27.10
CA LYS A 124 33.43 -0.31 -27.68
C LYS A 124 33.25 0.76 -26.58
N LEU A 125 32.37 0.48 -25.60
CA LEU A 125 32.18 1.39 -24.48
C LEU A 125 33.42 1.41 -23.60
N ASN A 126 34.02 0.26 -23.34
CA ASN A 126 35.24 0.18 -22.52
C ASN A 126 36.39 0.99 -23.13
N ARG A 127 36.51 0.94 -24.47
CA ARG A 127 37.56 1.70 -25.14
C ARG A 127 37.23 3.18 -25.29
N GLN A 128 36.08 3.65 -24.74
CA GLN A 128 35.62 5.05 -24.80
C GLN A 128 35.49 5.53 -26.23
N GLN A 129 35.11 4.60 -27.15
CA GLN A 129 34.93 4.93 -28.55
C GLN A 129 33.49 5.23 -28.93
N THR A 130 32.56 5.12 -27.97
CA THR A 130 31.18 5.44 -28.17
C THR A 130 30.57 5.79 -26.82
N ASP A 131 29.50 6.55 -26.86
CA ASP A 131 28.75 6.94 -25.68
C ASP A 131 27.63 5.91 -25.45
N MET A 132 27.00 5.45 -26.55
CA MET A 132 25.94 4.45 -26.47
CA MET A 132 25.94 4.45 -26.45
C MET A 132 26.19 3.35 -27.48
N ALA A 133 25.87 2.10 -27.12
CA ALA A 133 26.01 0.97 -28.03
C ALA A 133 24.64 0.28 -27.99
N VAL A 134 24.08 -0.08 -29.16
CA VAL A 134 22.74 -0.67 -29.24
C VAL A 134 22.79 -2.03 -29.88
N ASN A 135 22.14 -3.01 -29.25
CA ASN A 135 22.08 -4.35 -29.82
C ASN A 135 20.66 -4.87 -29.62
N TRP A 136 19.78 -4.63 -30.60
CA TRP A 136 18.39 -5.08 -30.44
C TRP A 136 18.24 -6.58 -30.44
N ALA A 137 19.25 -7.33 -30.93
CA ALA A 137 19.18 -8.80 -30.89
C ALA A 137 19.58 -9.40 -29.52
N GLY A 138 20.02 -8.57 -28.58
CA GLY A 138 20.42 -9.06 -27.27
C GLY A 138 19.32 -8.83 -26.24
N GLY A 139 19.69 -8.88 -24.98
CA GLY A 139 18.73 -8.70 -23.89
C GLY A 139 18.06 -9.98 -23.45
N LEU A 140 18.69 -11.15 -23.70
CA LEU A 140 18.08 -12.45 -23.39
C LEU A 140 18.35 -12.83 -21.93
N HIS A 141 17.66 -12.11 -21.06
CA HIS A 141 17.89 -12.08 -19.62
C HIS A 141 17.58 -13.31 -18.80
N HIS A 142 16.87 -14.32 -19.34
CA HIS A 142 16.54 -15.49 -18.50
C HIS A 142 17.57 -16.60 -18.49
N ALA A 143 18.47 -16.63 -19.49
CA ALA A 143 19.44 -17.72 -19.57
C ALA A 143 20.31 -17.84 -18.33
N LYS A 144 20.47 -19.09 -17.85
CA LYS A 144 21.25 -19.36 -16.65
C LYS A 144 22.61 -19.96 -16.96
N LYS A 145 23.49 -20.10 -15.97
CA LYS A 145 24.82 -20.66 -16.18
C LYS A 145 24.81 -21.98 -16.96
N SER A 146 23.93 -22.93 -16.58
CA SER A 146 23.88 -24.22 -17.26
C SER A 146 22.48 -24.62 -17.66
N GLU A 147 21.65 -23.64 -18.06
CA GLU A 147 20.29 -23.94 -18.43
C GLU A 147 19.70 -22.84 -19.29
N ALA A 148 18.96 -23.22 -20.33
CA ALA A 148 18.21 -22.29 -21.17
C ALA A 148 16.92 -22.00 -20.35
N SER A 149 16.32 -20.85 -20.60
CA SER A 149 15.06 -20.49 -19.92
C SER A 149 14.36 -19.37 -20.68
N GLY A 150 13.03 -19.44 -20.77
CA GLY A 150 12.21 -18.38 -21.33
C GLY A 150 12.68 -17.76 -22.63
N PHE A 151 12.91 -18.65 -23.59
CA PHE A 151 13.30 -18.32 -24.97
C PHE A 151 14.75 -17.86 -25.10
N CYS A 152 15.52 -17.89 -23.99
CA CYS A 152 16.91 -17.43 -23.89
C CYS A 152 17.84 -18.60 -23.68
N TYR A 153 18.96 -18.66 -24.43
CA TYR A 153 19.90 -19.76 -24.29
C TYR A 153 21.23 -19.30 -23.74
N VAL A 154 21.77 -18.18 -24.28
CA VAL A 154 23.03 -17.64 -23.80
C VAL A 154 22.73 -16.26 -23.26
N ASN A 155 23.18 -15.99 -22.04
CA ASN A 155 22.89 -14.71 -21.41
C ASN A 155 23.89 -13.65 -21.88
N ASP A 156 23.57 -13.03 -23.01
CA ASP A 156 24.43 -11.98 -23.59
C ASP A 156 24.62 -10.81 -22.63
N ILE A 157 23.60 -10.52 -21.78
CA ILE A 157 23.67 -9.41 -20.84
C ILE A 157 24.74 -9.68 -19.80
N VAL A 158 24.74 -10.89 -19.19
CA VAL A 158 25.74 -11.20 -18.18
C VAL A 158 27.15 -11.13 -18.79
N LEU A 159 27.30 -11.67 -20.01
CA LEU A 159 28.59 -11.62 -20.69
C LEU A 159 29.02 -10.19 -20.97
N ALA A 160 28.08 -9.32 -21.39
CA ALA A 160 28.41 -7.92 -21.67
C ALA A 160 28.79 -7.20 -20.35
N ILE A 161 28.08 -7.53 -19.24
CA ILE A 161 28.40 -6.90 -17.96
C ILE A 161 29.77 -7.34 -17.47
N LEU A 162 30.10 -8.64 -17.62
CA LEU A 162 31.45 -9.12 -17.23
C LEU A 162 32.53 -8.35 -18.04
N GLU A 163 32.22 -8.01 -19.31
CA GLU A 163 33.16 -7.26 -20.12
C GLU A 163 33.32 -5.84 -19.57
N LEU A 164 32.19 -5.17 -19.24
CA LEU A 164 32.24 -3.83 -18.68
C LEU A 164 32.97 -3.81 -17.34
N LEU A 165 32.82 -4.87 -16.54
CA LEU A 165 33.49 -4.96 -15.22
C LEU A 165 35.02 -4.95 -15.32
N LYS A 166 35.58 -5.17 -16.53
CA LYS A 166 37.03 -5.12 -16.69
C LYS A 166 37.54 -3.67 -16.52
N TYR A 167 36.69 -2.67 -16.83
CA TYR A 167 37.06 -1.25 -16.75
C TYR A 167 36.18 -0.41 -15.84
N HIS A 168 35.06 -0.96 -15.34
CA HIS A 168 34.13 -0.22 -14.49
C HIS A 168 33.95 -0.90 -13.16
N GLN A 169 34.16 -0.16 -12.05
CA GLN A 169 34.01 -0.75 -10.73
C GLN A 169 32.57 -1.12 -10.44
N ARG A 170 31.63 -0.25 -10.83
CA ARG A 170 30.22 -0.49 -10.57
C ARG A 170 29.40 -0.36 -11.85
N VAL A 171 28.57 -1.36 -12.14
CA VAL A 171 27.73 -1.34 -13.33
C VAL A 171 26.27 -1.44 -12.89
N LEU A 172 25.42 -0.58 -13.46
CA LEU A 172 23.99 -0.61 -13.12
C LEU A 172 23.25 -1.29 -14.29
N TYR A 173 22.42 -2.27 -13.97
CA TYR A 173 21.61 -2.97 -14.96
C TYR A 173 20.14 -2.59 -14.69
N ILE A 174 19.40 -2.11 -15.72
CA ILE A 174 17.99 -1.76 -15.55
C ILE A 174 17.21 -2.58 -16.56
N ASP A 175 16.12 -3.20 -16.14
CA ASP A 175 15.37 -4.09 -17.02
C ASP A 175 13.89 -3.71 -17.05
N ILE A 176 13.39 -3.23 -18.20
CA ILE A 176 12.00 -2.80 -18.34
C ILE A 176 11.13 -3.79 -19.16
N ASP A 177 11.65 -5.01 -19.39
CA ASP A 177 10.86 -6.09 -19.99
C ASP A 177 9.71 -6.40 -18.99
N ILE A 178 8.57 -6.90 -19.48
CA ILE A 178 7.50 -7.22 -18.53
C ILE A 178 7.87 -8.38 -17.60
N HIS A 179 8.79 -9.27 -18.01
CA HIS A 179 9.20 -10.40 -17.19
C HIS A 179 10.42 -10.04 -16.34
N HIS A 180 10.47 -10.62 -15.13
CA HIS A 180 11.58 -10.37 -14.23
C HIS A 180 12.93 -10.77 -14.86
N GLY A 181 13.95 -9.93 -14.70
CA GLY A 181 15.29 -10.24 -15.21
C GLY A 181 16.03 -11.20 -14.30
N ASP A 182 15.52 -12.42 -14.16
CA ASP A 182 16.06 -13.40 -13.23
C ASP A 182 17.46 -13.89 -13.50
N GLY A 183 17.81 -14.16 -14.76
CA GLY A 183 19.14 -14.68 -15.05
C GLY A 183 20.25 -13.70 -14.69
N VAL A 184 20.02 -12.42 -15.01
CA VAL A 184 20.99 -11.39 -14.69
C VAL A 184 21.06 -11.17 -13.17
N GLU A 185 19.87 -11.14 -12.51
CA GLU A 185 19.85 -10.95 -11.06
C GLU A 185 20.60 -12.09 -10.34
N GLU A 186 20.36 -13.32 -10.76
CA GLU A 186 21.00 -14.48 -10.17
C GLU A 186 22.50 -14.45 -10.36
N ALA A 187 22.97 -14.10 -11.59
CA ALA A 187 24.42 -14.09 -11.84
C ALA A 187 25.20 -13.20 -10.91
N PHE A 188 24.63 -12.06 -10.55
CA PHE A 188 25.31 -11.07 -9.71
C PHE A 188 24.69 -10.88 -8.30
N TYR A 189 23.89 -11.85 -7.88
CA TYR A 189 23.15 -11.75 -6.62
C TYR A 189 24.00 -11.54 -5.39
N THR A 190 25.26 -12.06 -5.39
CA THR A 190 26.10 -11.93 -4.20
C THR A 190 27.25 -10.93 -4.35
N THR A 191 27.18 -10.04 -5.37
CA THR A 191 28.21 -9.03 -5.52
C THR A 191 27.62 -7.62 -5.50
N ASP A 192 28.42 -6.66 -5.06
CA ASP A 192 28.05 -5.26 -5.05
C ASP A 192 28.59 -4.49 -6.28
N ARG A 193 29.33 -5.18 -7.17
CA ARG A 193 29.87 -4.56 -8.38
C ARG A 193 28.84 -4.38 -9.50
N VAL A 194 27.66 -5.00 -9.32
CA VAL A 194 26.56 -4.83 -10.26
C VAL A 194 25.31 -4.59 -9.42
N MET A 195 24.52 -3.58 -9.75
CA MET A 195 23.23 -3.39 -9.09
C MET A 195 22.20 -3.77 -10.17
N THR A 196 21.27 -4.67 -9.86
CA THR A 196 20.25 -5.06 -10.84
C THR A 196 18.90 -4.49 -10.43
N VAL A 197 18.21 -3.81 -11.35
CA VAL A 197 16.93 -3.17 -11.07
C VAL A 197 15.90 -3.63 -12.09
N SER A 198 14.90 -4.37 -11.65
CA SER A 198 13.90 -4.90 -12.58
C SER A 198 12.52 -4.42 -12.23
N PHE A 199 11.76 -3.97 -13.24
CA PHE A 199 10.38 -3.52 -13.11
C PHE A 199 9.63 -4.58 -13.90
N HIS A 200 8.68 -5.31 -13.25
CA HIS A 200 8.04 -6.42 -13.97
C HIS A 200 6.71 -6.82 -13.41
N LYS A 201 5.90 -7.54 -14.21
CA LYS A 201 4.65 -8.09 -13.70
C LYS A 201 5.02 -9.21 -12.74
N TYR A 202 4.37 -9.20 -11.56
CA TYR A 202 4.64 -10.21 -10.54
C TYR A 202 3.31 -10.75 -10.04
N GLY A 203 3.17 -12.07 -10.05
CA GLY A 203 1.93 -12.74 -9.63
C GLY A 203 1.33 -13.57 -10.73
N GLU A 204 1.39 -14.91 -10.59
CA GLU A 204 0.87 -15.88 -11.61
C GLU A 204 1.48 -15.55 -12.97
N TYR A 205 2.80 -15.36 -12.99
CA TYR A 205 3.46 -14.94 -14.22
C TYR A 205 4.91 -15.38 -14.24
N PHE A 206 5.36 -15.80 -15.42
CA PHE A 206 6.73 -16.25 -15.60
C PHE A 206 7.73 -15.12 -15.31
N PRO A 207 8.90 -15.40 -14.70
CA PRO A 207 9.38 -16.70 -14.20
C PRO A 207 9.00 -17.02 -12.76
N GLY A 208 8.21 -16.17 -12.12
CA GLY A 208 7.79 -16.44 -10.74
C GLY A 208 8.65 -15.82 -9.66
N THR A 209 9.76 -15.22 -10.06
CA THR A 209 10.72 -14.56 -9.18
C THR A 209 10.56 -13.01 -9.24
N GLY A 210 11.37 -12.27 -8.48
CA GLY A 210 11.30 -10.82 -8.50
C GLY A 210 10.36 -10.24 -7.46
N ASP A 211 10.26 -10.90 -6.31
CA ASP A 211 9.43 -10.33 -5.22
C ASP A 211 10.18 -9.09 -4.70
N LEU A 212 9.43 -8.11 -4.17
CA LEU A 212 10.13 -6.90 -3.70
CA LEU A 212 9.92 -6.90 -3.54
C LEU A 212 11.02 -7.24 -2.49
N ARG A 213 10.83 -8.39 -1.82
CA ARG A 213 11.69 -8.83 -0.73
C ARG A 213 12.99 -9.51 -1.19
N ASP A 214 13.19 -9.71 -2.51
CA ASP A 214 14.43 -10.28 -3.02
C ASP A 214 15.35 -9.08 -3.25
N ILE A 215 16.30 -8.87 -2.33
CA ILE A 215 17.16 -7.70 -2.37
C ILE A 215 18.65 -8.03 -2.44
N GLY A 216 19.03 -9.27 -2.69
CA GLY A 216 20.43 -9.66 -2.73
C GLY A 216 20.86 -10.44 -1.51
N ALA A 217 22.08 -10.98 -1.54
CA ALA A 217 22.59 -11.76 -0.41
C ALA A 217 24.09 -11.53 -0.24
N GLY A 218 24.59 -11.69 1.00
CA GLY A 218 26.01 -11.46 1.29
C GLY A 218 26.46 -10.06 0.94
N LYS A 219 27.59 -9.94 0.21
CA LYS A 219 28.07 -8.62 -0.24
C LYS A 219 27.05 -7.93 -1.19
N GLY A 220 26.19 -8.73 -1.82
CA GLY A 220 25.18 -8.21 -2.73
C GLY A 220 23.91 -7.74 -2.04
N LYS A 221 23.84 -7.81 -0.68
CA LYS A 221 22.61 -7.37 0.01
C LYS A 221 22.40 -5.90 -0.24
N TYR A 222 21.19 -5.54 -0.73
CA TYR A 222 20.74 -4.21 -1.12
C TYR A 222 21.14 -3.84 -2.57
N TYR A 223 21.80 -4.75 -3.29
CA TYR A 223 22.23 -4.47 -4.66
C TYR A 223 21.34 -5.14 -5.72
N ALA A 224 20.18 -5.69 -5.31
CA ALA A 224 19.20 -6.22 -6.25
C ALA A 224 17.93 -5.49 -5.85
N VAL A 225 17.23 -4.91 -6.83
CA VAL A 225 16.03 -4.13 -6.62
C VAL A 225 14.95 -4.68 -7.53
N ASN A 226 13.76 -4.91 -6.97
CA ASN A 226 12.64 -5.45 -7.75
C ASN A 226 11.40 -4.65 -7.48
N PHE A 227 10.75 -4.18 -8.55
CA PHE A 227 9.49 -3.44 -8.45
C PHE A 227 8.38 -4.31 -9.05
N PRO A 228 7.66 -5.04 -8.19
CA PRO A 228 6.58 -5.92 -8.70
C PRO A 228 5.33 -5.15 -9.04
N MET A 229 4.77 -5.41 -10.22
CA MET A 229 3.60 -4.71 -10.72
C MET A 229 2.47 -5.66 -11.10
N ARG A 230 1.26 -5.12 -11.16
CA ARG A 230 0.06 -5.84 -11.56
C ARG A 230 -0.29 -5.46 -13.01
N ASP A 231 -1.32 -6.10 -13.56
CA ASP A 231 -1.74 -5.79 -14.93
C ASP A 231 -2.15 -4.35 -15.15
N GLY A 232 -2.02 -3.90 -16.40
CA GLY A 232 -2.53 -2.60 -16.83
C GLY A 232 -1.79 -1.35 -16.51
N ILE A 233 -0.50 -1.45 -16.09
CA ILE A 233 0.26 -0.23 -15.81
C ILE A 233 0.32 0.68 -17.06
N ASP A 234 0.14 1.97 -16.89
CA ASP A 234 0.11 2.92 -17.99
C ASP A 234 1.28 3.91 -17.95
N ASP A 235 1.41 4.79 -18.96
CA ASP A 235 2.53 5.73 -19.03
C ASP A 235 2.66 6.62 -17.80
N GLU A 236 1.53 7.16 -17.34
CA GLU A 236 1.47 8.06 -16.19
C GLU A 236 2.04 7.38 -14.95
N SER A 237 1.55 6.18 -14.64
CA SER A 237 1.97 5.41 -13.46
C SER A 237 3.43 4.96 -13.53
N TYR A 238 3.84 4.44 -14.68
CA TYR A 238 5.22 3.96 -14.85
C TYR A 238 6.20 5.14 -14.72
N GLY A 239 5.88 6.23 -15.38
CA GLY A 239 6.72 7.42 -15.37
C GLY A 239 6.93 8.01 -14.00
N GLN A 240 5.87 7.96 -13.16
CA GLN A 240 5.77 8.44 -11.77
C GLN A 240 6.78 7.73 -10.84
N ILE A 241 7.14 6.48 -11.14
CA ILE A 241 8.09 5.76 -10.29
C ILE A 241 9.45 5.53 -10.92
N PHE A 242 9.52 5.48 -12.26
CA PHE A 242 10.79 5.14 -12.90
C PHE A 242 11.88 6.20 -12.66
N LYS A 243 11.60 7.46 -12.97
CA LYS A 243 12.58 8.53 -12.77
C LYS A 243 12.98 8.65 -11.29
N PRO A 244 12.05 8.70 -10.32
CA PRO A 244 12.49 8.78 -8.91
C PRO A 244 13.34 7.60 -8.46
N ILE A 245 13.00 6.36 -8.89
CA ILE A 245 13.80 5.20 -8.46
C ILE A 245 15.18 5.24 -9.12
N ILE A 246 15.22 5.45 -10.43
CA ILE A 246 16.53 5.50 -11.10
C ILE A 246 17.39 6.67 -10.58
N SER A 247 16.78 7.84 -10.29
CA SER A 247 17.56 8.96 -9.75
C SER A 247 18.17 8.60 -8.38
N LYS A 248 17.41 7.92 -7.52
CA LYS A 248 17.92 7.52 -6.21
C LYS A 248 19.01 6.46 -6.33
N VAL A 249 18.82 5.51 -7.29
CA VAL A 249 19.83 4.49 -7.53
C VAL A 249 21.12 5.19 -8.04
N MET A 250 21.00 6.15 -8.97
CA MET A 250 22.19 6.86 -9.46
C MET A 250 22.91 7.59 -8.32
N GLU A 251 22.14 8.27 -7.49
CA GLU A 251 22.68 9.01 -6.35
C GLU A 251 23.43 8.12 -5.37
N MET A 252 22.84 7.00 -4.95
CA MET A 252 23.46 6.12 -3.97
C MET A 252 24.53 5.19 -4.50
N TYR A 253 24.30 4.62 -5.68
CA TYR A 253 25.20 3.62 -6.24
C TYR A 253 26.36 4.21 -7.06
N GLN A 254 26.12 5.34 -7.73
CA GLN A 254 27.16 6.01 -8.53
C GLN A 254 27.84 5.07 -9.52
N PRO A 255 27.04 4.42 -10.40
CA PRO A 255 27.64 3.48 -11.35
C PRO A 255 28.47 4.23 -12.39
N SER A 256 29.46 3.54 -13.01
CA SER A 256 30.22 4.22 -14.06
C SER A 256 29.79 3.75 -15.48
N ALA A 257 28.91 2.73 -15.57
CA ALA A 257 28.38 2.26 -16.85
C ALA A 257 26.98 1.70 -16.57
N VAL A 258 26.11 1.76 -17.58
CA VAL A 258 24.74 1.27 -17.42
C VAL A 258 24.40 0.35 -18.58
N VAL A 259 23.60 -0.68 -18.30
CA VAL A 259 23.08 -1.60 -19.31
C VAL A 259 21.56 -1.51 -19.14
N LEU A 260 20.83 -1.21 -20.21
CA LEU A 260 19.38 -1.09 -20.14
C LEU A 260 18.74 -2.10 -21.09
N GLN A 261 17.97 -3.04 -20.54
CA GLN A 261 17.25 -4.06 -21.30
C GLN A 261 15.89 -3.43 -21.60
N CYS A 262 15.58 -3.25 -22.89
CA CYS A 262 14.40 -2.57 -23.40
C CYS A 262 13.34 -3.49 -23.91
N GLY A 263 13.11 -4.62 -23.24
CA GLY A 263 12.05 -5.55 -23.66
C GLY A 263 10.73 -4.84 -23.91
N ALA A 264 10.20 -5.02 -25.12
CA ALA A 264 8.99 -4.31 -25.61
C ALA A 264 7.69 -5.01 -25.30
N ASP A 265 7.75 -6.10 -24.53
CA ASP A 265 6.54 -6.83 -24.11
C ASP A 265 5.79 -6.10 -22.99
N SER A 266 6.34 -4.99 -22.51
CA SER A 266 5.68 -4.14 -21.54
C SER A 266 4.74 -3.12 -22.28
N LEU A 267 4.66 -3.16 -23.65
CA LEU A 267 3.77 -2.26 -24.37
C LEU A 267 2.36 -2.80 -24.39
N SER A 268 1.41 -1.88 -24.51
CA SER A 268 -0.01 -2.17 -24.72
C SER A 268 -0.19 -3.08 -25.95
N GLY A 269 -1.07 -4.06 -25.86
CA GLY A 269 -1.34 -4.96 -26.98
C GLY A 269 -0.35 -6.06 -27.23
N ASP A 270 0.63 -6.27 -26.32
CA ASP A 270 1.60 -7.35 -26.52
C ASP A 270 0.90 -8.71 -26.45
N ARG A 271 1.31 -9.66 -27.30
CA ARG A 271 0.71 -10.98 -27.29
C ARG A 271 0.84 -11.73 -25.94
N LEU A 272 1.96 -11.55 -25.25
CA LEU A 272 2.19 -12.24 -23.97
C LEU A 272 2.07 -11.32 -22.75
N GLY A 273 2.23 -10.03 -22.94
CA GLY A 273 2.20 -9.09 -21.83
C GLY A 273 0.83 -8.57 -21.49
N CYS A 274 0.69 -8.01 -20.29
CA CYS A 274 -0.57 -7.47 -19.84
C CYS A 274 -0.41 -6.04 -19.28
N PHE A 275 0.56 -5.26 -19.79
CA PHE A 275 0.77 -3.87 -19.42
C PHE A 275 0.12 -2.98 -20.49
N ASN A 276 0.11 -1.66 -20.25
CA ASN A 276 -0.55 -0.72 -21.12
C ASN A 276 0.28 0.51 -21.46
N LEU A 277 1.60 0.34 -21.62
CA LEU A 277 2.46 1.43 -21.99
C LEU A 277 2.36 1.73 -23.47
N THR A 278 2.60 2.98 -23.82
CA THR A 278 2.72 3.35 -25.24
C THR A 278 4.24 3.34 -25.56
N VAL A 279 4.61 3.53 -26.85
CA VAL A 279 6.01 3.62 -27.26
C VAL A 279 6.64 4.86 -26.58
N LYS A 280 5.89 5.99 -26.46
CA LYS A 280 6.44 7.17 -25.78
C LYS A 280 6.68 6.86 -24.30
N GLY A 281 5.76 6.13 -23.67
CA GLY A 281 5.92 5.79 -22.25
C GLY A 281 7.12 4.90 -22.01
N HIS A 282 7.31 3.90 -22.89
CA HIS A 282 8.41 2.97 -22.79
C HIS A 282 9.73 3.75 -23.04
N ALA A 283 9.76 4.56 -24.11
CA ALA A 283 10.94 5.35 -24.47
C ALA A 283 11.31 6.41 -23.46
N LYS A 284 10.37 6.84 -22.62
CA LYS A 284 10.69 7.81 -21.56
C LYS A 284 11.77 7.19 -20.62
N CYS A 285 11.78 5.84 -20.47
CA CYS A 285 12.81 5.19 -19.66
C CYS A 285 14.19 5.41 -20.25
N VAL A 286 14.29 5.33 -21.58
CA VAL A 286 15.56 5.55 -22.28
C VAL A 286 15.98 7.01 -22.07
N GLU A 287 15.02 7.96 -22.21
CA GLU A 287 15.34 9.38 -21.99
C GLU A 287 15.87 9.60 -20.58
N VAL A 288 15.22 8.99 -19.58
CA VAL A 288 15.65 9.15 -18.18
C VAL A 288 17.08 8.66 -17.98
N VAL A 289 17.40 7.47 -18.48
CA VAL A 289 18.73 6.90 -18.30
C VAL A 289 19.79 7.69 -19.06
N LYS A 290 19.48 8.05 -20.32
CA LYS A 290 20.41 8.79 -21.16
C LYS A 290 20.79 10.15 -20.53
N THR A 291 19.89 10.75 -19.76
CA THR A 291 20.11 12.03 -19.13
C THR A 291 21.31 12.02 -18.16
N PHE A 292 21.63 10.87 -17.54
CA PHE A 292 22.76 10.75 -16.59
C PHE A 292 24.13 10.80 -17.26
N ASN A 293 24.19 10.79 -18.61
CA ASN A 293 25.43 10.91 -19.34
C ASN A 293 26.50 9.89 -18.98
N LEU A 294 26.09 8.63 -18.81
CA LEU A 294 27.04 7.55 -18.52
C LEU A 294 27.13 6.63 -19.73
N PRO A 295 28.27 5.93 -19.91
CA PRO A 295 28.37 4.91 -20.99
C PRO A 295 27.16 3.96 -20.89
N LEU A 296 26.44 3.78 -21.98
CA LEU A 296 25.19 3.01 -21.94
C LEU A 296 25.09 1.96 -23.02
N LEU A 297 24.75 0.72 -22.63
CA LEU A 297 24.54 -0.37 -23.56
C LEU A 297 23.03 -0.60 -23.55
N MET A 298 22.37 -0.41 -24.70
CA MET A 298 20.91 -0.58 -24.83
C MET A 298 20.68 -1.89 -25.55
N LEU A 299 19.87 -2.75 -24.93
CA LEU A 299 19.60 -4.09 -25.49
C LEU A 299 18.12 -4.33 -25.71
N GLY A 300 17.81 -5.35 -26.52
CA GLY A 300 16.42 -5.72 -26.77
C GLY A 300 15.91 -6.62 -25.66
N GLY A 301 15.07 -7.58 -26.03
CA GLY A 301 14.49 -8.51 -25.06
C GLY A 301 13.18 -9.02 -25.60
N GLY A 302 12.16 -9.09 -24.76
CA GLY A 302 10.86 -9.55 -25.22
C GLY A 302 10.17 -8.58 -26.17
N GLY A 303 8.96 -8.93 -26.59
CA GLY A 303 8.18 -8.12 -27.51
C GLY A 303 7.63 -9.11 -28.51
N TYR A 304 6.31 -9.32 -28.47
CA TYR A 304 5.65 -10.40 -29.20
C TYR A 304 4.54 -9.95 -30.15
N THR A 305 4.28 -8.64 -30.24
CA THR A 305 3.36 -8.06 -31.26
C THR A 305 4.42 -7.31 -32.09
N ILE A 306 4.92 -7.96 -33.15
CA ILE A 306 6.13 -7.51 -33.82
C ILE A 306 6.04 -6.16 -34.47
N ARG A 307 4.85 -5.72 -34.95
CA ARG A 307 4.78 -4.34 -35.50
C ARG A 307 5.08 -3.30 -34.40
N ASN A 308 4.66 -3.58 -33.15
CA ASN A 308 4.89 -2.66 -32.06
C ASN A 308 6.31 -2.71 -31.54
N VAL A 309 6.98 -3.87 -31.62
CA VAL A 309 8.38 -3.98 -31.25
C VAL A 309 9.20 -3.13 -32.23
N ALA A 310 8.89 -3.24 -33.55
CA ALA A 310 9.64 -2.45 -34.56
C ALA A 310 9.43 -0.95 -34.29
N ARG A 311 8.20 -0.53 -33.96
CA ARG A 311 7.97 0.89 -33.67
C ARG A 311 8.77 1.33 -32.44
N CYS A 312 8.72 0.51 -31.39
CA CYS A 312 9.35 0.82 -30.11
C CYS A 312 10.84 1.01 -30.23
N TRP A 313 11.52 0.02 -30.82
CA TRP A 313 12.97 0.07 -30.93
C TRP A 313 13.44 1.08 -31.97
N THR A 314 12.61 1.36 -33.00
CA THR A 314 12.99 2.41 -33.95
C THR A 314 12.95 3.77 -33.19
N TYR A 315 11.88 3.99 -32.40
CA TYR A 315 11.75 5.24 -31.67
C TYR A 315 12.84 5.35 -30.60
N GLU A 316 13.19 4.25 -29.94
CA GLU A 316 14.25 4.31 -28.91
C GLU A 316 15.64 4.53 -29.52
N THR A 317 15.83 4.12 -30.78
CA THR A 317 17.11 4.41 -31.46
C THR A 317 17.10 5.94 -31.77
N ALA A 318 15.96 6.50 -32.20
CA ALA A 318 15.86 7.94 -32.46
C ALA A 318 16.14 8.72 -31.18
N VAL A 319 15.61 8.23 -30.04
CA VAL A 319 15.84 8.87 -28.73
C VAL A 319 17.33 8.86 -28.41
N ALA A 320 18.01 7.72 -28.61
CA ALA A 320 19.46 7.63 -28.37
C ALA A 320 20.24 8.67 -29.19
N LEU A 321 19.77 8.92 -30.42
CA LEU A 321 20.39 9.86 -31.35
C LEU A 321 19.93 11.30 -31.17
N ASP A 322 18.94 11.57 -30.28
CA ASP A 322 18.40 12.93 -30.11
C ASP A 322 17.84 13.44 -31.46
N CYS A 323 17.24 12.51 -32.22
CA CYS A 323 16.69 12.79 -33.52
CA CYS A 323 16.68 12.76 -33.53
C CYS A 323 15.18 12.70 -33.46
N GLU A 324 14.50 13.73 -33.92
CA GLU A 324 13.06 13.74 -33.94
C GLU A 324 12.66 13.10 -35.27
N ILE A 325 11.69 12.20 -35.22
CA ILE A 325 11.21 11.52 -36.42
C ILE A 325 9.69 11.65 -36.50
N PRO A 326 9.17 11.79 -37.73
CA PRO A 326 7.71 11.96 -37.86
C PRO A 326 6.86 10.76 -37.46
N ASN A 327 5.62 11.02 -37.06
CA ASN A 327 4.68 9.97 -36.69
C ASN A 327 4.24 9.18 -37.94
N GLU A 328 4.21 9.82 -39.11
CA GLU A 328 3.83 9.14 -40.35
C GLU A 328 4.98 8.18 -40.70
N LEU A 329 4.66 6.88 -40.81
CA LEU A 329 5.73 5.92 -41.11
C LEU A 329 6.21 6.07 -42.54
N PRO A 330 7.51 5.99 -42.76
CA PRO A 330 8.02 6.03 -44.13
C PRO A 330 7.69 4.69 -44.77
N TYR A 331 7.62 4.64 -46.13
CA TYR A 331 7.43 3.36 -46.82
C TYR A 331 8.63 2.44 -46.45
N ASN A 332 8.39 1.14 -46.32
CA ASN A 332 9.44 0.22 -45.91
C ASN A 332 9.05 -1.19 -46.36
N ASP A 333 9.96 -2.15 -46.24
CA ASP A 333 9.72 -3.53 -46.72
C ASP A 333 8.59 -4.27 -46.04
N TYR A 334 8.17 -3.79 -44.88
CA TYR A 334 7.12 -4.41 -44.10
C TYR A 334 5.99 -3.45 -43.84
N PHE A 335 5.78 -2.45 -44.74
CA PHE A 335 4.76 -1.42 -44.56
C PHE A 335 3.39 -1.95 -44.17
N GLU A 336 2.95 -3.01 -44.84
CA GLU A 336 1.63 -3.60 -44.59
C GLU A 336 1.44 -4.12 -43.16
N TYR A 337 2.56 -4.42 -42.45
CA TYR A 337 2.44 -4.89 -41.05
C TYR A 337 1.95 -3.77 -40.12
N PHE A 338 2.09 -2.50 -40.53
CA PHE A 338 1.76 -1.35 -39.69
C PHE A 338 0.39 -0.77 -39.92
N GLY A 339 -0.45 -1.47 -40.68
CA GLY A 339 -1.81 -1.02 -40.88
C GLY A 339 -2.62 -1.22 -39.60
N PRO A 340 -3.81 -0.65 -39.52
CA PRO A 340 -4.48 0.16 -40.55
C PRO A 340 -4.11 1.64 -40.55
N ASP A 341 -3.31 2.08 -39.58
CA ASP A 341 -2.96 3.48 -39.39
C ASP A 341 -1.64 3.94 -40.03
N PHE A 342 -0.64 3.06 -40.09
CA PHE A 342 0.67 3.37 -40.65
C PHE A 342 1.33 4.53 -39.93
N LYS A 343 1.18 4.57 -38.59
CA LYS A 343 1.81 5.58 -37.76
C LYS A 343 2.81 4.89 -36.84
N LEU A 344 3.76 5.65 -36.32
CA LEU A 344 4.79 5.12 -35.43
C LEU A 344 4.27 4.93 -34.01
N HIS A 345 3.52 5.93 -33.51
CA HIS A 345 3.04 5.87 -32.13
C HIS A 345 1.75 5.10 -31.98
N ILE A 346 1.56 4.51 -30.79
CA ILE A 346 0.41 3.67 -30.52
C ILE A 346 -0.44 4.25 -29.39
N SER A 347 -1.71 3.85 -29.37
CA SER A 347 -2.65 4.29 -28.35
C SER A 347 -2.77 3.24 -27.26
N PRO A 348 -2.93 3.66 -26.00
CA PRO A 348 -3.14 2.65 -24.95
C PRO A 348 -4.56 2.08 -25.10
N SER A 349 -4.79 0.92 -24.52
CA SER A 349 -6.11 0.30 -24.52
C SER A 349 -6.95 0.83 -23.34
N ASN A 350 -8.21 0.37 -23.24
CA ASN A 350 -9.10 0.73 -22.14
C ASN A 350 -8.95 -0.22 -20.93
N MET A 351 -7.90 -1.06 -20.89
CA MET A 351 -7.75 -1.99 -19.78
C MET A 351 -7.58 -1.27 -18.44
N THR A 352 -8.09 -1.88 -17.37
CA THR A 352 -7.99 -1.29 -16.07
C THR A 352 -6.56 -1.38 -15.57
N ASN A 353 -6.07 -0.31 -14.95
CA ASN A 353 -4.76 -0.30 -14.34
C ASN A 353 -4.94 -0.79 -12.91
N GLN A 354 -4.52 -2.02 -12.63
CA GLN A 354 -4.64 -2.57 -11.28
CA GLN A 354 -4.64 -2.60 -11.28
C GLN A 354 -3.62 -2.01 -10.29
N ASN A 355 -2.63 -1.25 -10.80
CA ASN A 355 -1.60 -0.62 -9.96
C ASN A 355 -2.16 0.72 -9.53
N THR A 356 -2.85 0.74 -8.37
CA THR A 356 -3.39 2.02 -7.91
C THR A 356 -2.28 3.01 -7.60
N PRO A 357 -2.56 4.32 -7.60
CA PRO A 357 -1.51 5.29 -7.25
C PRO A 357 -0.91 5.04 -5.85
N GLU A 358 -1.74 4.55 -4.90
CA GLU A 358 -1.26 4.27 -3.55
C GLU A 358 -0.32 3.06 -3.54
N TYR A 359 -0.64 2.03 -4.35
CA TYR A 359 0.23 0.85 -4.42
C TYR A 359 1.59 1.27 -4.99
N MET A 360 1.57 2.08 -6.06
CA MET A 360 2.84 2.54 -6.68
C MET A 360 3.70 3.32 -5.69
N GLU A 361 3.08 4.23 -4.95
CA GLU A 361 3.81 5.02 -3.95
C GLU A 361 4.34 4.15 -2.83
N LYS A 362 3.54 3.16 -2.38
CA LYS A 362 3.96 2.29 -1.29
C LYS A 362 5.14 1.43 -1.68
N ILE A 363 5.12 0.85 -2.89
CA ILE A 363 6.26 0.02 -3.32
C ILE A 363 7.51 0.90 -3.48
N LYS A 364 7.33 2.11 -4.05
CA LYS A 364 8.45 3.06 -4.23
C LYS A 364 9.08 3.40 -2.88
N GLN A 365 8.22 3.63 -1.86
CA GLN A 365 8.75 3.95 -0.54
C GLN A 365 9.48 2.74 0.08
N ARG A 366 9.01 1.49 -0.15
CA ARG A 366 9.72 0.31 0.37
C ARG A 366 11.11 0.23 -0.30
N LEU A 367 11.19 0.49 -1.61
CA LEU A 367 12.47 0.46 -2.33
C LEU A 367 13.40 1.57 -1.86
N PHE A 368 12.85 2.76 -1.57
CA PHE A 368 13.65 3.86 -1.04
C PHE A 368 14.25 3.47 0.31
N GLU A 369 13.51 2.73 1.17
CA GLU A 369 14.06 2.27 2.47
CA GLU A 369 14.07 2.30 2.47
C GLU A 369 15.28 1.40 2.26
N ASN A 370 15.20 0.49 1.26
CA ASN A 370 16.32 -0.42 0.97
C ASN A 370 17.49 0.36 0.40
N LEU A 371 17.23 1.37 -0.45
CA LEU A 371 18.31 2.17 -1.03
C LEU A 371 19.04 2.99 0.05
N ARG A 372 18.36 3.33 1.16
CA ARG A 372 19.01 4.06 2.26
C ARG A 372 20.10 3.21 2.93
N MET A 373 20.03 1.87 2.77
CA MET A 373 20.97 0.94 3.35
C MET A 373 22.28 0.78 2.59
N LEU A 374 22.45 1.44 1.45
CA LEU A 374 23.71 1.37 0.70
C LEU A 374 24.78 2.27 1.39
N PRO A 375 26.09 1.96 1.27
CA PRO A 375 27.10 2.81 1.93
C PRO A 375 27.27 4.18 1.27
N LYS B 10 -1.74 -23.59 23.61
CA LYS B 10 -2.91 -24.06 22.88
C LYS B 10 -2.64 -24.29 21.39
N LYS B 11 -2.84 -25.53 20.93
CA LYS B 11 -2.61 -25.96 19.56
C LYS B 11 -3.74 -25.51 18.64
N VAL B 12 -3.39 -25.05 17.42
CA VAL B 12 -4.41 -24.59 16.48
C VAL B 12 -4.36 -25.36 15.15
N CYS B 13 -5.50 -25.90 14.70
CA CYS B 13 -5.57 -26.54 13.40
C CYS B 13 -6.45 -25.68 12.50
N TYR B 14 -6.08 -25.56 11.25
CA TYR B 14 -6.76 -24.65 10.34
C TYR B 14 -6.98 -25.35 9.02
N TYR B 15 -8.19 -25.21 8.50
CA TYR B 15 -8.62 -25.89 7.27
C TYR B 15 -8.73 -24.95 6.11
N TYR B 16 -8.14 -25.35 4.97
CA TYR B 16 -8.20 -24.52 3.78
C TYR B 16 -7.96 -25.35 2.55
N ASP B 17 -8.80 -25.17 1.51
CA ASP B 17 -8.57 -25.86 0.23
C ASP B 17 -8.31 -24.73 -0.78
N GLY B 18 -7.21 -24.80 -1.51
CA GLY B 18 -6.84 -23.79 -2.50
C GLY B 18 -7.82 -23.54 -3.62
N ASP B 19 -8.81 -24.43 -3.81
CA ASP B 19 -9.81 -24.22 -4.86
C ASP B 19 -10.92 -23.29 -4.35
N ILE B 20 -11.05 -23.11 -3.01
CA ILE B 20 -12.18 -22.38 -2.46
C ILE B 20 -12.37 -20.97 -3.01
N GLY B 21 -11.29 -20.24 -3.25
CA GLY B 21 -11.41 -18.87 -3.76
C GLY B 21 -11.88 -18.75 -5.19
N ASN B 22 -11.92 -19.89 -5.92
CA ASN B 22 -12.32 -19.86 -7.33
C ASN B 22 -13.81 -19.98 -7.56
N TYR B 23 -14.58 -20.36 -6.52
CA TYR B 23 -16.03 -20.49 -6.69
C TYR B 23 -16.60 -19.09 -6.80
N TYR B 24 -17.51 -18.90 -7.74
CA TYR B 24 -18.04 -17.57 -8.03
C TYR B 24 -19.54 -17.54 -8.04
N TYR B 25 -20.14 -16.73 -7.16
CA TYR B 25 -21.60 -16.62 -7.07
C TYR B 25 -22.24 -15.84 -8.23
N GLY B 26 -21.43 -15.17 -9.04
CA GLY B 26 -21.96 -14.40 -10.16
C GLY B 26 -21.76 -12.91 -10.03
N GLN B 27 -21.83 -12.20 -11.17
CA GLN B 27 -21.66 -10.77 -11.25
C GLN B 27 -22.62 -10.03 -10.34
N GLY B 28 -22.06 -9.19 -9.47
CA GLY B 28 -22.83 -8.38 -8.55
C GLY B 28 -23.18 -9.05 -7.24
N HIS B 29 -23.06 -10.41 -7.17
CA HIS B 29 -23.42 -11.08 -5.92
C HIS B 29 -22.42 -10.69 -4.82
N PRO B 30 -22.90 -10.26 -3.64
CA PRO B 30 -21.95 -9.83 -2.59
C PRO B 30 -21.04 -10.89 -1.99
N MET B 31 -21.45 -12.16 -2.05
CA MET B 31 -20.62 -13.23 -1.43
C MET B 31 -19.49 -13.58 -2.34
N LYS B 32 -18.24 -13.44 -1.83
CA LYS B 32 -17.07 -13.65 -2.63
C LYS B 32 -16.08 -14.58 -1.96
N PRO B 33 -16.13 -15.88 -2.32
CA PRO B 33 -15.19 -16.86 -1.71
C PRO B 33 -13.72 -16.46 -1.83
N HIS B 34 -13.37 -15.63 -2.82
CA HIS B 34 -11.99 -15.13 -2.96
C HIS B 34 -11.48 -14.47 -1.64
N ARG B 35 -12.40 -13.92 -0.80
CA ARG B 35 -11.95 -13.34 0.49
C ARG B 35 -11.23 -14.39 1.37
N ILE B 36 -11.59 -15.69 1.23
CA ILE B 36 -10.96 -16.76 2.02
C ILE B 36 -9.50 -16.94 1.56
N ARG B 37 -9.27 -16.86 0.25
CA ARG B 37 -7.94 -16.94 -0.35
C ARG B 37 -7.12 -15.70 0.07
N MET B 38 -7.74 -14.51 0.07
CA MET B 38 -7.00 -13.30 0.52
C MET B 38 -6.55 -13.47 1.98
N THR B 39 -7.45 -14.02 2.83
CA THR B 39 -7.10 -14.26 4.23
C THR B 39 -5.93 -15.23 4.31
N HIS B 40 -6.00 -16.35 3.58
CA HIS B 40 -4.94 -17.36 3.61
C HIS B 40 -3.60 -16.79 3.18
N ASN B 41 -3.61 -15.97 2.12
CA ASN B 41 -2.35 -15.40 1.64
C ASN B 41 -1.80 -14.35 2.57
N LEU B 42 -2.68 -13.59 3.26
CA LEU B 42 -2.19 -12.59 4.20
C LEU B 42 -1.54 -13.32 5.40
N LEU B 43 -2.17 -14.43 5.92
N LEU B 43 -2.15 -14.44 5.86
CA LEU B 43 -1.55 -15.14 7.05
CA LEU B 43 -1.60 -15.25 6.95
C LEU B 43 -0.22 -15.83 6.63
C LEU B 43 -0.24 -15.78 6.59
N LEU B 44 -0.08 -16.25 5.35
CA LEU B 44 1.21 -16.81 4.89
C LEU B 44 2.29 -15.74 4.99
N ASN B 45 1.96 -14.54 4.48
CA ASN B 45 2.93 -13.46 4.40
C ASN B 45 3.25 -12.84 5.77
N TYR B 46 2.37 -13.03 6.77
CA TYR B 46 2.68 -12.60 8.13
C TYR B 46 3.57 -13.67 8.84
N GLY B 47 3.82 -14.83 8.22
CA GLY B 47 4.64 -15.87 8.81
C GLY B 47 3.89 -16.74 9.79
N LEU B 48 2.56 -16.71 9.79
CA LEU B 48 1.77 -17.45 10.78
C LEU B 48 1.63 -18.95 10.52
N TYR B 49 2.00 -19.45 9.33
CA TYR B 49 1.87 -20.91 9.09
C TYR B 49 2.76 -21.73 10.02
N ARG B 50 3.92 -21.18 10.41
CA ARG B 50 4.87 -21.88 11.27
C ARG B 50 4.24 -22.38 12.57
N LYS B 51 3.27 -21.63 13.08
CA LYS B 51 2.65 -21.93 14.35
C LYS B 51 1.37 -22.74 14.30
N MET B 52 0.87 -23.08 13.10
CA MET B 52 -0.36 -23.87 13.10
CA MET B 52 -0.39 -23.77 12.95
C MET B 52 -0.30 -25.07 12.15
N GLU B 53 -1.22 -26.02 12.39
CA GLU B 53 -1.27 -27.24 11.61
C GLU B 53 -2.28 -26.88 10.55
N ILE B 54 -1.87 -26.88 9.28
CA ILE B 54 -2.77 -26.55 8.19
C ILE B 54 -3.16 -27.79 7.44
N TYR B 55 -4.46 -27.99 7.28
CA TYR B 55 -4.97 -29.16 6.57
C TYR B 55 -5.88 -28.78 5.44
N ARG B 56 -5.97 -29.63 4.42
CA ARG B 56 -6.90 -29.46 3.34
C ARG B 56 -8.11 -30.29 3.78
N PRO B 57 -9.31 -29.70 3.76
CA PRO B 57 -10.49 -30.48 4.15
C PRO B 57 -10.83 -31.54 3.11
N HIS B 58 -11.52 -32.61 3.56
CA HIS B 58 -12.03 -33.58 2.61
C HIS B 58 -13.31 -32.94 2.02
N LYS B 59 -13.84 -33.49 0.94
CA LYS B 59 -15.11 -33.04 0.39
C LYS B 59 -16.15 -33.82 1.18
N ALA B 60 -16.96 -33.14 2.02
CA ALA B 60 -17.99 -33.83 2.79
C ALA B 60 -18.97 -34.59 1.88
N THR B 61 -19.27 -35.84 2.27
CA THR B 61 -20.13 -36.67 1.45
C THR B 61 -21.61 -36.34 1.64
N ALA B 62 -22.47 -36.82 0.71
CA ALA B 62 -23.93 -36.67 0.85
C ALA B 62 -24.40 -37.34 2.15
N GLU B 63 -23.76 -38.44 2.56
CA GLU B 63 -24.06 -39.15 3.81
C GLU B 63 -23.76 -38.28 5.04
N GLU B 64 -22.66 -37.54 5.00
CA GLU B 64 -22.30 -36.62 6.08
C GLU B 64 -23.35 -35.49 6.11
N MET B 65 -23.74 -34.96 4.94
CA MET B 65 -24.68 -33.84 4.90
C MET B 65 -26.08 -34.22 5.32
N THR B 66 -26.49 -35.47 5.04
CA THR B 66 -27.85 -35.91 5.43
C THR B 66 -27.99 -36.26 6.92
N LYS B 67 -26.92 -36.07 7.72
CA LYS B 67 -27.02 -36.20 9.17
C LYS B 67 -27.97 -35.07 9.69
N TYR B 68 -28.14 -34.00 8.88
CA TYR B 68 -29.06 -32.90 9.16
C TYR B 68 -30.02 -32.70 7.97
N HIS B 69 -29.51 -32.38 6.78
CA HIS B 69 -30.34 -32.07 5.64
C HIS B 69 -31.12 -33.26 5.10
N SER B 70 -32.24 -32.96 4.43
CA SER B 70 -33.03 -34.04 3.84
C SER B 70 -32.30 -34.61 2.63
N ASP B 71 -32.52 -35.92 2.39
CA ASP B 71 -31.90 -36.62 1.27
C ASP B 71 -32.29 -35.98 -0.06
N GLU B 72 -33.55 -35.54 -0.17
CA GLU B 72 -34.06 -34.90 -1.38
C GLU B 72 -33.33 -33.58 -1.70
N TYR B 73 -33.11 -32.77 -0.65
CA TYR B 73 -32.45 -31.48 -0.84
C TYR B 73 -30.98 -31.68 -1.25
N ILE B 74 -30.28 -32.61 -0.58
CA ILE B 74 -28.88 -32.88 -0.91
C ILE B 74 -28.74 -33.44 -2.32
N LYS B 75 -29.68 -34.33 -2.71
CA LYS B 75 -29.65 -34.90 -4.07
C LYS B 75 -29.82 -33.77 -5.11
N PHE B 76 -30.68 -32.80 -4.82
CA PHE B 76 -30.88 -31.64 -5.68
C PHE B 76 -29.56 -30.82 -5.79
N LEU B 77 -28.91 -30.51 -4.64
CA LEU B 77 -27.66 -29.75 -4.70
C LEU B 77 -26.58 -30.49 -5.48
N ARG B 78 -26.56 -31.83 -5.39
CA ARG B 78 -25.56 -32.65 -6.10
C ARG B 78 -25.85 -32.75 -7.60
N SER B 79 -27.09 -32.46 -8.03
CA SER B 79 -27.50 -32.58 -9.42
C SER B 79 -27.60 -31.29 -10.20
N ILE B 80 -27.97 -30.19 -9.54
CA ILE B 80 -28.21 -28.91 -10.19
C ILE B 80 -26.96 -28.24 -10.73
N ARG B 81 -27.03 -27.79 -11.97
CA ARG B 81 -25.93 -27.11 -12.64
C ARG B 81 -26.48 -25.99 -13.52
N PRO B 82 -25.67 -24.97 -13.87
CA PRO B 82 -26.17 -23.92 -14.78
C PRO B 82 -26.72 -24.48 -16.10
N ASP B 83 -26.14 -25.58 -16.62
CA ASP B 83 -26.58 -26.11 -17.92
C ASP B 83 -27.81 -27.04 -17.87
N ASN B 84 -28.35 -27.34 -16.67
CA ASN B 84 -29.55 -28.17 -16.59
C ASN B 84 -30.70 -27.50 -15.80
N MET B 85 -30.51 -26.22 -15.38
CA MET B 85 -31.47 -25.41 -14.62
C MET B 85 -32.86 -25.38 -15.22
N SER B 86 -32.96 -25.34 -16.55
CA SER B 86 -34.26 -25.32 -17.22
C SER B 86 -35.11 -26.56 -16.90
N GLU B 87 -34.50 -27.68 -16.51
CA GLU B 87 -35.23 -28.90 -16.16
C GLU B 87 -35.58 -28.99 -14.67
N TYR B 88 -35.13 -28.02 -13.85
CA TYR B 88 -35.35 -28.09 -12.41
C TYR B 88 -36.13 -26.89 -11.84
N SER B 89 -36.99 -26.24 -12.64
CA SER B 89 -37.76 -25.09 -12.13
C SER B 89 -38.55 -25.38 -10.87
N LYS B 90 -39.24 -26.53 -10.78
CA LYS B 90 -40.01 -26.88 -9.59
C LYS B 90 -39.12 -27.03 -8.35
N GLN B 91 -38.04 -27.81 -8.47
CA GLN B 91 -37.14 -28.02 -7.34
C GLN B 91 -36.41 -26.74 -6.94
N MET B 92 -36.04 -25.88 -7.88
CA MET B 92 -35.37 -24.62 -7.56
C MET B 92 -36.27 -23.74 -6.69
N GLN B 93 -37.59 -23.76 -6.97
CA GLN B 93 -38.54 -22.98 -6.20
C GLN B 93 -38.72 -23.60 -4.81
N ARG B 94 -38.85 -24.92 -4.73
CA ARG B 94 -39.05 -25.60 -3.45
C ARG B 94 -37.83 -25.44 -2.54
N PHE B 95 -36.64 -25.52 -3.12
CA PHE B 95 -35.40 -25.46 -2.34
C PHE B 95 -34.83 -24.03 -2.19
N ASN B 96 -35.54 -23.00 -2.66
CA ASN B 96 -35.19 -21.60 -2.52
C ASN B 96 -33.89 -21.18 -3.20
N VAL B 97 -33.65 -21.73 -4.37
CA VAL B 97 -32.50 -21.36 -5.16
C VAL B 97 -32.98 -20.20 -6.05
N GLY B 98 -32.30 -19.08 -5.98
CA GLY B 98 -32.66 -17.88 -6.72
C GLY B 98 -31.60 -16.82 -6.63
N GLU B 99 -31.99 -15.54 -6.50
CA GLU B 99 -31.03 -14.45 -6.47
C GLU B 99 -30.03 -14.53 -5.34
N ASP B 100 -30.51 -14.73 -4.09
CA ASP B 100 -29.57 -14.80 -2.96
C ASP B 100 -28.75 -16.08 -3.02
N CYS B 101 -29.37 -17.19 -3.43
CA CYS B 101 -28.70 -18.49 -3.49
C CYS B 101 -28.72 -19.00 -4.91
N PRO B 102 -27.86 -18.46 -5.77
CA PRO B 102 -27.87 -18.87 -7.18
C PRO B 102 -27.24 -20.21 -7.46
N VAL B 103 -27.48 -20.72 -8.69
CA VAL B 103 -26.83 -21.92 -9.14
C VAL B 103 -25.56 -21.43 -9.79
N PHE B 104 -24.40 -21.92 -9.35
CA PHE B 104 -23.13 -21.55 -9.97
C PHE B 104 -22.32 -22.80 -10.23
N ASP B 105 -21.32 -22.72 -11.14
CA ASP B 105 -20.48 -23.86 -11.46
C ASP B 105 -19.73 -24.33 -10.22
N GLY B 106 -19.81 -25.61 -9.91
CA GLY B 106 -19.09 -26.15 -8.76
C GLY B 106 -19.78 -25.92 -7.42
N LEU B 107 -21.04 -25.50 -7.44
CA LEU B 107 -21.82 -25.25 -6.21
C LEU B 107 -21.70 -26.40 -5.19
N PHE B 108 -21.92 -27.66 -5.64
CA PHE B 108 -21.88 -28.78 -4.70
C PHE B 108 -20.49 -28.93 -4.10
N GLU B 109 -19.43 -28.82 -4.93
CA GLU B 109 -18.06 -28.96 -4.42
C GLU B 109 -17.75 -27.86 -3.40
N PHE B 110 -18.21 -26.63 -3.65
CA PHE B 110 -18.03 -25.51 -2.71
C PHE B 110 -18.66 -25.90 -1.35
N CYS B 111 -19.90 -26.44 -1.41
CA CYS B 111 -20.58 -26.88 -0.20
C CYS B 111 -19.78 -27.99 0.50
N GLN B 112 -19.26 -28.94 -0.28
CA GLN B 112 -18.51 -30.04 0.28
C GLN B 112 -17.25 -29.59 1.00
N LEU B 113 -16.53 -28.61 0.43
CA LEU B 113 -15.29 -28.13 1.04
C LEU B 113 -15.56 -27.25 2.23
N SER B 114 -16.62 -26.40 2.13
CA SER B 114 -17.00 -25.53 3.25
C SER B 114 -17.39 -26.42 4.45
N THR B 115 -18.25 -27.42 4.19
CA THR B 115 -18.70 -28.34 5.24
C THR B 115 -17.57 -29.23 5.74
N GLY B 116 -16.74 -29.75 4.82
CA GLY B 116 -15.65 -30.64 5.20
C GLY B 116 -14.72 -30.05 6.24
N GLY B 117 -14.41 -28.76 6.11
CA GLY B 117 -13.53 -28.13 7.10
C GLY B 117 -14.16 -28.05 8.46
N SER B 118 -15.48 -27.77 8.51
CA SER B 118 -16.13 -27.63 9.82
C SER B 118 -16.25 -28.98 10.52
N VAL B 119 -16.67 -30.02 9.78
CA VAL B 119 -16.83 -31.35 10.36
CA VAL B 119 -16.84 -31.32 10.41
C VAL B 119 -15.47 -31.93 10.73
N ALA B 120 -14.44 -31.72 9.88
CA ALA B 120 -13.10 -32.23 10.20
C ALA B 120 -12.54 -31.56 11.47
N GLY B 121 -12.77 -30.25 11.61
CA GLY B 121 -12.35 -29.52 12.79
C GLY B 121 -13.03 -30.04 14.04
N ALA B 122 -14.34 -30.32 13.94
CA ALA B 122 -15.10 -30.87 15.06
C ALA B 122 -14.53 -32.26 15.45
N VAL B 123 -14.18 -33.10 14.45
CA VAL B 123 -13.59 -34.42 14.78
C VAL B 123 -12.26 -34.24 15.49
N LYS B 124 -11.42 -33.29 15.01
CA LYS B 124 -10.13 -33.04 15.67
C LYS B 124 -10.32 -32.62 17.13
N LEU B 125 -11.36 -31.82 17.42
CA LEU B 125 -11.63 -31.39 18.76
C LEU B 125 -12.11 -32.57 19.61
N ASN B 126 -13.02 -33.41 19.06
CA ASN B 126 -13.55 -34.58 19.77
C ASN B 126 -12.42 -35.57 20.12
N ARG B 127 -11.47 -35.72 19.22
CA ARG B 127 -10.32 -36.62 19.46
C ARG B 127 -9.23 -36.02 20.35
N GLN B 128 -9.45 -34.79 20.85
CA GLN B 128 -8.51 -34.07 21.69
C GLN B 128 -7.15 -33.92 21.02
N GLN B 129 -7.17 -33.75 19.70
CA GLN B 129 -5.94 -33.56 18.92
C GLN B 129 -5.58 -32.08 18.73
N THR B 130 -6.46 -31.18 19.15
CA THR B 130 -6.29 -29.74 19.07
C THR B 130 -7.20 -29.09 20.10
N ASP B 131 -6.85 -27.89 20.50
CA ASP B 131 -7.64 -27.08 21.42
C ASP B 131 -8.55 -26.14 20.58
N MET B 132 -8.09 -25.75 19.37
CA MET B 132 -8.86 -24.85 18.51
C MET B 132 -8.79 -25.32 17.10
N ALA B 133 -9.91 -25.25 16.39
CA ALA B 133 -9.95 -25.59 14.98
C ALA B 133 -10.56 -24.40 14.25
N VAL B 134 -10.02 -24.03 13.09
CA VAL B 134 -10.49 -22.87 12.34
C VAL B 134 -10.89 -23.27 10.93
N ASN B 135 -12.06 -22.81 10.48
CA ASN B 135 -12.47 -23.03 9.10
C ASN B 135 -13.13 -21.74 8.59
N TRP B 136 -12.34 -20.85 7.96
CA TRP B 136 -12.92 -19.59 7.48
C TRP B 136 -13.91 -19.78 6.33
N ALA B 137 -13.90 -20.95 5.66
CA ALA B 137 -14.88 -21.21 4.57
C ALA B 137 -16.24 -21.64 5.12
N GLY B 138 -16.35 -21.89 6.42
CA GLY B 138 -17.59 -22.31 7.06
C GLY B 138 -18.34 -21.16 7.69
N GLY B 139 -19.29 -21.49 8.55
CA GLY B 139 -20.12 -20.49 9.21
C GLY B 139 -21.37 -20.11 8.42
N LEU B 140 -21.85 -20.98 7.52
CA LEU B 140 -23.00 -20.64 6.68
C LEU B 140 -24.32 -20.94 7.40
N HIS B 141 -24.60 -20.05 8.37
CA HIS B 141 -25.63 -20.21 9.36
C HIS B 141 -27.09 -20.15 8.92
N HIS B 142 -27.43 -19.71 7.70
CA HIS B 142 -28.85 -19.63 7.33
C HIS B 142 -29.41 -20.89 6.71
N ALA B 143 -28.57 -21.81 6.22
CA ALA B 143 -29.11 -22.99 5.52
C ALA B 143 -30.02 -23.81 6.39
N LYS B 144 -31.16 -24.20 5.80
CA LYS B 144 -32.20 -24.95 6.51
C LYS B 144 -32.15 -26.44 6.16
N LYS B 145 -32.92 -27.27 6.90
CA LYS B 145 -32.94 -28.72 6.66
C LYS B 145 -33.20 -29.07 5.20
N SER B 146 -34.17 -28.39 4.56
CA SER B 146 -34.52 -28.67 3.17
CA SER B 146 -34.45 -28.68 3.16
C SER B 146 -34.60 -27.45 2.27
N GLU B 147 -33.79 -26.41 2.53
CA GLU B 147 -33.82 -25.23 1.67
C GLU B 147 -32.60 -24.35 1.87
N ALA B 148 -32.17 -23.72 0.79
CA ALA B 148 -31.05 -22.81 0.86
C ALA B 148 -31.59 -21.47 1.39
N SER B 149 -30.71 -20.61 1.93
CA SER B 149 -31.15 -19.29 2.40
C SER B 149 -29.98 -18.41 2.62
N GLY B 150 -30.12 -17.12 2.29
CA GLY B 150 -29.09 -16.13 2.59
C GLY B 150 -27.66 -16.50 2.26
N PHE B 151 -27.43 -16.89 1.03
CA PHE B 151 -26.10 -17.24 0.49
C PHE B 151 -25.59 -18.58 1.00
N CYS B 152 -26.36 -19.30 1.82
CA CYS B 152 -25.98 -20.57 2.46
C CYS B 152 -26.76 -21.73 1.89
N TYR B 153 -26.08 -22.84 1.57
CA TYR B 153 -26.78 -24.00 1.00
C TYR B 153 -26.77 -25.17 1.97
N VAL B 154 -25.60 -25.48 2.55
CA VAL B 154 -25.45 -26.59 3.50
C VAL B 154 -25.00 -25.98 4.81
N ASN B 155 -25.70 -26.31 5.90
CA ASN B 155 -25.40 -25.71 7.18
C ASN B 155 -24.25 -26.48 7.82
N ASP B 156 -23.04 -26.05 7.48
CA ASP B 156 -21.85 -26.71 8.04
C ASP B 156 -21.79 -26.60 9.57
N ILE B 157 -22.40 -25.52 10.14
CA ILE B 157 -22.35 -25.33 11.59
C ILE B 157 -23.18 -26.40 12.28
N VAL B 158 -24.40 -26.63 11.79
CA VAL B 158 -25.28 -27.66 12.39
C VAL B 158 -24.59 -29.01 12.30
N LEU B 159 -23.98 -29.32 11.14
CA LEU B 159 -23.28 -30.60 10.98
C LEU B 159 -22.10 -30.73 11.95
N ALA B 160 -21.32 -29.64 12.14
CA ALA B 160 -20.21 -29.65 13.08
C ALA B 160 -20.71 -29.81 14.52
N ILE B 161 -21.83 -29.17 14.86
CA ILE B 161 -22.38 -29.27 16.21
C ILE B 161 -22.88 -30.69 16.45
N LEU B 162 -23.51 -31.32 15.46
CA LEU B 162 -23.97 -32.72 15.61
C LEU B 162 -22.74 -33.62 15.87
N GLU B 163 -21.61 -33.31 15.21
CA GLU B 163 -20.39 -34.08 15.41
CA GLU B 163 -20.39 -34.08 15.41
C GLU B 163 -19.90 -33.87 16.84
N LEU B 164 -19.85 -32.60 17.32
CA LEU B 164 -19.42 -32.33 18.69
C LEU B 164 -20.34 -33.01 19.71
N LEU B 165 -21.64 -33.10 19.41
CA LEU B 165 -22.62 -33.74 20.33
C LEU B 165 -22.34 -35.23 20.53
N LYS B 166 -21.51 -35.84 19.67
CA LYS B 166 -21.17 -37.27 19.90
C LYS B 166 -20.33 -37.42 21.18
N TYR B 167 -19.53 -36.39 21.53
CA TYR B 167 -18.62 -36.44 22.66
C TYR B 167 -18.95 -35.46 23.77
N HIS B 168 -19.78 -34.43 23.49
CA HIS B 168 -20.09 -33.35 24.42
C HIS B 168 -21.56 -33.26 24.77
N GLN B 169 -21.88 -33.34 26.07
CA GLN B 169 -23.28 -33.27 26.51
C GLN B 169 -23.89 -31.92 26.16
N ARG B 170 -23.12 -30.85 26.38
CA ARG B 170 -23.60 -29.50 26.12
C ARG B 170 -22.63 -28.71 25.25
N VAL B 171 -23.14 -28.15 24.15
CA VAL B 171 -22.32 -27.37 23.24
C VAL B 171 -22.88 -25.95 23.17
N LEU B 172 -21.99 -24.95 23.25
CA LEU B 172 -22.42 -23.55 23.14
C LEU B 172 -22.08 -23.01 21.77
N TYR B 173 -23.06 -22.38 21.10
CA TYR B 173 -22.85 -21.77 19.79
C TYR B 173 -22.98 -20.25 19.98
N ILE B 174 -21.98 -19.46 19.54
CA ILE B 174 -22.02 -17.99 19.66
C ILE B 174 -21.87 -17.46 18.25
N ASP B 175 -22.69 -16.49 17.86
CA ASP B 175 -22.68 -15.97 16.49
C ASP B 175 -22.59 -14.45 16.49
N ILE B 176 -21.47 -13.88 15.99
CA ILE B 176 -21.27 -12.42 15.96
C ILE B 176 -21.38 -11.83 14.56
N ASP B 177 -21.93 -12.62 13.59
CA ASP B 177 -22.26 -12.11 12.26
C ASP B 177 -23.34 -11.02 12.50
N ILE B 178 -23.43 -10.02 11.61
CA ILE B 178 -24.49 -9.01 11.82
C ILE B 178 -25.89 -9.59 11.60
N HIS B 179 -26.03 -10.71 10.86
CA HIS B 179 -27.36 -11.31 10.64
C HIS B 179 -27.65 -12.39 11.66
N HIS B 180 -28.94 -12.53 12.07
CA HIS B 180 -29.29 -13.55 13.04
C HIS B 180 -28.92 -14.98 12.53
N GLY B 181 -28.37 -15.83 13.41
CA GLY B 181 -28.05 -17.21 13.04
C GLY B 181 -29.28 -18.10 13.14
N ASP B 182 -30.26 -17.85 12.25
CA ASP B 182 -31.54 -18.55 12.27
C ASP B 182 -31.48 -20.04 11.96
N GLY B 183 -30.66 -20.45 10.99
CA GLY B 183 -30.59 -21.87 10.66
C GLY B 183 -30.12 -22.72 11.81
N VAL B 184 -29.10 -22.23 12.54
CA VAL B 184 -28.55 -22.95 13.67
C VAL B 184 -29.54 -22.90 14.85
N GLU B 185 -30.15 -21.72 15.10
CA GLU B 185 -31.12 -21.60 16.18
C GLU B 185 -32.30 -22.56 15.96
N GLU B 186 -32.83 -22.58 14.75
CA GLU B 186 -33.96 -23.46 14.39
C GLU B 186 -33.63 -24.95 14.55
N ALA B 187 -32.44 -25.36 14.09
CA ALA B 187 -32.05 -26.77 14.19
C ALA B 187 -32.07 -27.31 15.61
N PHE B 188 -31.70 -26.48 16.59
CA PHE B 188 -31.64 -26.93 17.98
C PHE B 188 -32.64 -26.26 18.92
N TYR B 189 -33.67 -25.63 18.35
CA TYR B 189 -34.64 -24.86 19.12
C TYR B 189 -35.31 -25.61 20.26
N THR B 190 -35.52 -26.92 20.09
CA THR B 190 -36.22 -27.69 21.13
C THR B 190 -35.31 -28.62 21.97
N THR B 191 -34.00 -28.39 21.93
CA THR B 191 -33.10 -29.18 22.75
C THR B 191 -32.29 -28.31 23.69
N ASP B 192 -31.93 -28.87 24.85
CA ASP B 192 -31.09 -28.22 25.83
C ASP B 192 -29.62 -28.64 25.67
N ARG B 193 -29.31 -29.50 24.68
CA ARG B 193 -27.94 -29.94 24.46
C ARG B 193 -27.09 -28.93 23.67
N VAL B 194 -27.75 -27.89 23.13
CA VAL B 194 -27.07 -26.81 22.43
C VAL B 194 -27.69 -25.52 22.93
N MET B 195 -26.86 -24.55 23.29
CA MET B 195 -27.34 -23.22 23.65
C MET B 195 -26.88 -22.36 22.47
N THR B 196 -27.78 -21.61 21.83
CA THR B 196 -27.39 -20.73 20.72
C THR B 196 -27.50 -19.30 21.18
N VAL B 197 -26.45 -18.50 20.96
CA VAL B 197 -26.43 -17.11 21.41
C VAL B 197 -26.07 -16.25 20.18
N SER B 198 -26.97 -15.37 19.76
CA SER B 198 -26.73 -14.54 18.59
C SER B 198 -26.85 -13.07 18.91
N PHE B 199 -25.87 -12.27 18.45
CA PHE B 199 -25.85 -10.80 18.57
C PHE B 199 -26.02 -10.34 17.14
N HIS B 200 -27.04 -9.53 16.84
CA HIS B 200 -27.30 -9.16 15.44
C HIS B 200 -28.14 -7.96 15.30
N LYS B 201 -28.16 -7.39 14.10
CA LYS B 201 -29.04 -6.26 13.83
CA LYS B 201 -29.02 -6.25 13.81
C LYS B 201 -30.44 -6.81 13.70
N TYR B 202 -31.41 -6.12 14.32
CA TYR B 202 -32.78 -6.58 14.28
C TYR B 202 -33.67 -5.40 13.95
N GLY B 203 -34.58 -5.61 13.00
CA GLY B 203 -35.50 -4.56 12.58
C GLY B 203 -35.26 -4.18 11.14
N GLU B 204 -36.21 -4.54 10.25
CA GLU B 204 -36.11 -4.30 8.79
C GLU B 204 -34.79 -4.81 8.25
N TYR B 205 -34.46 -6.08 8.59
CA TYR B 205 -33.17 -6.63 8.21
C TYR B 205 -33.26 -8.13 8.13
N PHE B 206 -32.62 -8.70 7.11
CA PHE B 206 -32.63 -10.15 6.92
C PHE B 206 -32.04 -10.87 8.14
N PRO B 207 -32.54 -12.06 8.52
CA PRO B 207 -33.70 -12.79 8.00
C PRO B 207 -35.04 -12.43 8.66
N GLY B 208 -35.06 -11.42 9.53
CA GLY B 208 -36.28 -11.00 10.22
C GLY B 208 -36.60 -11.75 11.49
N THR B 209 -35.70 -12.63 11.91
CA THR B 209 -35.85 -13.45 13.11
C THR B 209 -34.85 -13.00 14.20
N GLY B 210 -34.89 -13.65 15.36
CA GLY B 210 -33.98 -13.31 16.44
C GLY B 210 -34.47 -12.20 17.33
N ASP B 211 -35.77 -12.21 17.60
CA ASP B 211 -36.33 -11.25 18.54
C ASP B 211 -35.82 -11.63 19.95
N LEU B 212 -35.77 -10.64 20.86
CA LEU B 212 -35.40 -10.83 22.26
C LEU B 212 -36.27 -11.95 22.91
N ARG B 213 -37.52 -12.04 22.49
CA ARG B 213 -38.50 -12.99 23.00
C ARG B 213 -38.42 -14.40 22.43
N ASP B 214 -37.49 -14.63 21.49
CA ASP B 214 -37.32 -15.98 20.93
C ASP B 214 -36.30 -16.63 21.84
N ILE B 215 -36.77 -17.43 22.81
CA ILE B 215 -35.90 -18.04 23.80
C ILE B 215 -35.87 -19.58 23.77
N GLY B 216 -36.48 -20.19 22.79
CA GLY B 216 -36.51 -21.65 22.71
C GLY B 216 -37.90 -22.20 23.02
N ALA B 217 -38.10 -23.49 22.74
CA ALA B 217 -39.39 -24.14 23.00
C ALA B 217 -39.19 -25.55 23.57
N GLY B 218 -40.18 -26.03 24.34
CA GLY B 218 -40.08 -27.36 24.95
C GLY B 218 -38.89 -27.48 25.87
N LYS B 219 -38.14 -28.59 25.76
CA LYS B 219 -36.92 -28.78 26.56
C LYS B 219 -35.85 -27.69 26.25
N GLY B 220 -35.98 -27.04 25.09
CA GLY B 220 -35.08 -25.97 24.67
C GLY B 220 -35.45 -24.60 25.21
N LYS B 221 -36.55 -24.48 26.01
CA LYS B 221 -36.90 -23.16 26.56
C LYS B 221 -35.78 -22.64 27.44
N TYR B 222 -35.31 -21.40 27.15
CA TYR B 222 -34.19 -20.71 27.80
C TYR B 222 -32.82 -21.08 27.18
N TYR B 223 -32.79 -21.95 26.18
CA TYR B 223 -31.53 -22.36 25.54
C TYR B 223 -31.27 -21.66 24.20
N ALA B 224 -32.04 -20.61 23.88
CA ALA B 224 -31.80 -19.78 22.71
C ALA B 224 -31.75 -18.36 23.26
N VAL B 225 -30.68 -17.61 22.92
CA VAL B 225 -30.49 -16.27 23.43
C VAL B 225 -30.27 -15.37 22.23
N ASN B 226 -31.02 -14.26 22.17
CA ASN B 226 -30.90 -13.31 21.08
C ASN B 226 -30.73 -11.90 21.61
N PHE B 227 -29.67 -11.21 21.15
CA PHE B 227 -29.43 -9.82 21.56
C PHE B 227 -29.64 -8.96 20.31
N PRO B 228 -30.85 -8.38 20.15
CA PRO B 228 -31.13 -7.55 18.98
C PRO B 228 -30.54 -6.16 19.12
N MET B 229 -29.88 -5.70 18.07
N MET B 229 -29.86 -5.71 18.06
CA MET B 229 -29.25 -4.39 18.10
CA MET B 229 -29.15 -4.44 18.03
C MET B 229 -29.71 -3.51 16.95
C MET B 229 -29.59 -3.53 16.89
N ARG B 230 -29.38 -2.22 17.07
CA ARG B 230 -29.69 -1.23 16.06
C ARG B 230 -28.36 -0.85 15.36
N ASP B 231 -28.45 0.00 14.33
CA ASP B 231 -27.27 0.42 13.61
C ASP B 231 -26.25 1.13 14.48
N GLY B 232 -24.99 1.03 14.06
CA GLY B 232 -23.95 1.83 14.65
C GLY B 232 -23.28 1.39 15.91
N ILE B 233 -23.52 0.13 16.37
N ILE B 233 -23.52 0.13 16.37
CA ILE B 233 -22.85 -0.35 17.58
CA ILE B 233 -22.85 -0.34 17.57
C ILE B 233 -21.33 -0.26 17.41
C ILE B 233 -21.33 -0.26 17.41
N ASP B 234 -20.62 0.20 18.43
CA ASP B 234 -19.19 0.36 18.34
C ASP B 234 -18.44 -0.60 19.27
N ASP B 235 -17.10 -0.57 19.24
CA ASP B 235 -16.30 -1.50 20.03
C ASP B 235 -16.60 -1.47 21.51
N GLU B 236 -16.69 -0.26 22.08
CA GLU B 236 -16.90 -0.11 23.51
C GLU B 236 -18.25 -0.68 23.92
N SER B 237 -19.33 -0.29 23.19
CA SER B 237 -20.67 -0.75 23.50
CA SER B 237 -20.66 -0.77 23.55
C SER B 237 -20.83 -2.26 23.31
N TYR B 238 -20.28 -2.79 22.21
CA TYR B 238 -20.40 -4.23 21.95
C TYR B 238 -19.65 -5.02 23.02
N GLY B 239 -18.44 -4.57 23.34
CA GLY B 239 -17.60 -5.27 24.31
C GLY B 239 -18.20 -5.32 25.69
N GLN B 240 -18.88 -4.21 26.07
CA GLN B 240 -19.52 -4.07 27.38
C GLN B 240 -20.67 -5.03 27.58
N ILE B 241 -21.31 -5.51 26.51
CA ILE B 241 -22.38 -6.49 26.67
C ILE B 241 -21.94 -7.93 26.32
N PHE B 242 -20.95 -8.07 25.43
CA PHE B 242 -20.53 -9.42 25.03
C PHE B 242 -19.91 -10.19 26.20
N LYS B 243 -18.93 -9.56 26.87
CA LYS B 243 -18.26 -10.25 27.97
C LYS B 243 -19.21 -10.63 29.10
N PRO B 244 -20.06 -9.71 29.62
CA PRO B 244 -20.98 -10.13 30.71
C PRO B 244 -21.97 -11.22 30.29
N ILE B 245 -22.51 -11.13 29.07
CA ILE B 245 -23.48 -12.14 28.63
C ILE B 245 -22.81 -13.49 28.45
N ILE B 246 -21.67 -13.54 27.75
CA ILE B 246 -20.97 -14.81 27.58
C ILE B 246 -20.51 -15.37 28.92
N SER B 247 -20.06 -14.52 29.85
CA SER B 247 -19.62 -15.01 31.16
C SER B 247 -20.78 -15.64 31.92
N LYS B 248 -21.97 -15.02 31.86
CA LYS B 248 -23.15 -15.57 32.54
C LYS B 248 -23.59 -16.88 31.90
N VAL B 249 -23.57 -16.93 30.54
CA VAL B 249 -23.91 -18.15 29.80
C VAL B 249 -22.95 -19.27 30.20
N MET B 250 -21.65 -18.98 30.27
CA MET B 250 -20.65 -19.99 30.66
C MET B 250 -20.93 -20.50 32.09
N GLU B 251 -21.21 -19.57 33.01
CA GLU B 251 -21.51 -19.93 34.40
C GLU B 251 -22.76 -20.81 34.53
N MET B 252 -23.85 -20.45 33.87
CA MET B 252 -25.11 -21.20 33.98
C MET B 252 -25.14 -22.47 33.17
N TYR B 253 -24.65 -22.43 31.93
CA TYR B 253 -24.74 -23.55 31.03
C TYR B 253 -23.59 -24.55 31.13
N GLN B 254 -22.39 -24.11 31.50
CA GLN B 254 -21.20 -24.98 31.63
C GLN B 254 -21.01 -25.91 30.42
N PRO B 255 -20.90 -25.33 29.22
CA PRO B 255 -20.70 -26.16 28.03
C PRO B 255 -19.32 -26.82 28.04
N SER B 256 -19.17 -27.96 27.32
CA SER B 256 -17.84 -28.58 27.25
C SER B 256 -17.14 -28.31 25.91
N ALA B 257 -17.83 -27.65 24.96
CA ALA B 257 -17.24 -27.30 23.68
C ALA B 257 -17.97 -26.04 23.17
N VAL B 258 -17.27 -25.24 22.35
CA VAL B 258 -17.84 -24.00 21.87
C VAL B 258 -17.63 -23.86 20.39
N VAL B 259 -18.64 -23.34 19.68
CA VAL B 259 -18.52 -23.05 18.26
C VAL B 259 -18.76 -21.54 18.15
N LEU B 260 -17.82 -20.80 17.53
CA LEU B 260 -17.94 -19.34 17.41
C LEU B 260 -17.97 -18.96 15.93
N GLN B 261 -19.11 -18.41 15.45
CA GLN B 261 -19.26 -17.97 14.06
C GLN B 261 -18.78 -16.52 14.07
N CYS B 262 -17.75 -16.22 13.25
CA CYS B 262 -17.05 -14.93 13.23
C CYS B 262 -17.37 -14.11 12.02
N GLY B 263 -18.64 -14.10 11.58
CA GLY B 263 -19.04 -13.30 10.41
C GLY B 263 -18.53 -11.87 10.52
N ALA B 264 -17.79 -11.42 9.49
CA ALA B 264 -17.15 -10.11 9.50
C ALA B 264 -17.98 -8.96 8.97
N ASP B 265 -19.25 -9.22 8.69
CA ASP B 265 -20.14 -8.16 8.24
C ASP B 265 -20.60 -7.25 9.39
N SER B 266 -20.17 -7.53 10.63
CA SER B 266 -20.44 -6.68 11.78
C SER B 266 -19.34 -5.56 11.87
N LEU B 267 -18.38 -5.51 10.91
CA LEU B 267 -17.33 -4.51 10.90
C LEU B 267 -17.83 -3.24 10.26
N SER B 268 -17.26 -2.11 10.71
CA SER B 268 -17.50 -0.81 10.12
C SER B 268 -17.16 -0.85 8.62
N GLY B 269 -17.98 -0.21 7.80
CA GLY B 269 -17.71 -0.15 6.36
C GLY B 269 -18.12 -1.37 5.55
N ASP B 270 -18.82 -2.33 6.19
CA ASP B 270 -19.25 -3.51 5.44
C ASP B 270 -20.27 -3.13 4.37
N ARG B 271 -20.19 -3.73 3.18
CA ARG B 271 -21.13 -3.43 2.10
C ARG B 271 -22.59 -3.66 2.44
N LEU B 272 -22.87 -4.70 3.24
CA LEU B 272 -24.24 -5.05 3.62
C LEU B 272 -24.60 -4.69 5.05
N GLY B 273 -23.60 -4.58 5.92
CA GLY B 273 -23.82 -4.33 7.33
C GLY B 273 -23.88 -2.86 7.70
N CYS B 274 -24.41 -2.60 8.89
CA CYS B 274 -24.61 -1.27 9.41
C CYS B 274 -24.08 -1.10 10.82
N PHE B 275 -23.09 -1.92 11.24
CA PHE B 275 -22.44 -1.77 12.54
C PHE B 275 -21.15 -0.95 12.36
N ASN B 276 -20.49 -0.63 13.49
CA ASN B 276 -19.29 0.20 13.50
C ASN B 276 -18.15 -0.38 14.31
N LEU B 277 -17.98 -1.72 14.25
CA LEU B 277 -16.88 -2.35 14.95
C LEU B 277 -15.56 -2.28 14.16
N THR B 278 -14.45 -2.24 14.88
CA THR B 278 -13.16 -2.33 14.24
C THR B 278 -12.75 -3.84 14.28
N VAL B 279 -11.61 -4.17 13.63
CA VAL B 279 -11.09 -5.53 13.69
C VAL B 279 -10.72 -5.88 15.18
N LYS B 280 -10.16 -4.91 15.94
CA LYS B 280 -9.87 -5.16 17.35
C LYS B 280 -11.16 -5.43 18.17
N GLY B 281 -12.24 -4.68 17.90
CA GLY B 281 -13.49 -4.87 18.62
C GLY B 281 -14.15 -6.21 18.29
N HIS B 282 -14.04 -6.63 17.04
CA HIS B 282 -14.63 -7.91 16.63
C HIS B 282 -13.76 -9.02 17.26
N ALA B 283 -12.42 -8.92 17.15
CA ALA B 283 -11.50 -9.93 17.69
C ALA B 283 -11.54 -10.06 19.20
N LYS B 284 -11.99 -9.00 19.91
CA LYS B 284 -12.11 -9.08 21.37
C LYS B 284 -13.08 -10.23 21.75
N CYS B 285 -14.04 -10.55 20.86
CA CYS B 285 -14.98 -11.64 21.10
C CYS B 285 -14.23 -12.97 21.14
N VAL B 286 -13.26 -13.16 20.23
CA VAL B 286 -12.47 -14.37 20.19
C VAL B 286 -11.64 -14.45 21.47
N GLU B 287 -11.04 -13.31 21.85
CA GLU B 287 -10.22 -13.24 23.07
CA GLU B 287 -10.22 -13.25 23.06
C GLU B 287 -11.05 -13.65 24.30
N VAL B 288 -12.26 -13.11 24.43
CA VAL B 288 -13.12 -13.42 25.56
C VAL B 288 -13.47 -14.91 25.61
N VAL B 289 -13.86 -15.49 24.47
CA VAL B 289 -14.24 -16.89 24.42
C VAL B 289 -13.06 -17.78 24.79
N LYS B 290 -11.85 -17.42 24.32
CA LYS B 290 -10.64 -18.19 24.64
C LYS B 290 -10.31 -18.25 26.12
N THR B 291 -10.69 -17.21 26.90
CA THR B 291 -10.38 -17.22 28.34
C THR B 291 -11.03 -18.39 29.08
N PHE B 292 -12.08 -19.00 28.50
CA PHE B 292 -12.75 -20.12 29.17
C PHE B 292 -12.05 -21.47 28.96
N ASN B 293 -11.00 -21.51 28.10
CA ASN B 293 -10.18 -22.70 27.90
C ASN B 293 -10.98 -23.95 27.53
N LEU B 294 -11.96 -23.80 26.64
CA LEU B 294 -12.76 -24.93 26.19
C LEU B 294 -12.41 -25.24 24.74
N PRO B 295 -12.62 -26.49 24.30
CA PRO B 295 -12.42 -26.83 22.87
C PRO B 295 -13.26 -25.86 22.03
N LEU B 296 -12.62 -25.22 21.04
CA LEU B 296 -13.29 -24.18 20.28
C LEU B 296 -13.14 -24.37 18.78
N LEU B 297 -14.27 -24.27 18.05
CA LEU B 297 -14.29 -24.33 16.60
C LEU B 297 -14.65 -22.90 16.13
N MET B 298 -13.74 -22.24 15.43
CA MET B 298 -13.94 -20.86 14.95
C MET B 298 -14.26 -20.93 13.47
N LEU B 299 -15.39 -20.34 13.05
CA LEU B 299 -15.82 -20.41 11.67
C LEU B 299 -16.00 -19.03 11.07
N GLY B 300 -16.07 -18.97 9.74
CA GLY B 300 -16.31 -17.71 9.04
C GLY B 300 -17.80 -17.36 9.01
N GLY B 301 -18.25 -16.77 7.92
CA GLY B 301 -19.65 -16.37 7.79
C GLY B 301 -19.69 -15.21 6.83
N GLY B 302 -20.48 -14.20 7.15
CA GLY B 302 -20.58 -13.02 6.31
C GLY B 302 -19.34 -12.16 6.27
N GLY B 303 -19.41 -11.08 5.52
CA GLY B 303 -18.29 -10.16 5.36
C GLY B 303 -18.23 -9.87 3.89
N TYR B 304 -18.54 -8.61 3.51
CA TYR B 304 -18.76 -8.23 2.12
C TYR B 304 -17.87 -7.09 1.61
N THR B 305 -16.98 -6.55 2.45
CA THR B 305 -15.93 -5.56 2.04
C THR B 305 -14.72 -6.47 2.21
N ILE B 306 -14.32 -7.13 1.12
CA ILE B 306 -13.36 -8.24 1.24
C ILE B 306 -12.00 -7.86 1.81
N ARG B 307 -11.46 -6.64 1.59
CA ARG B 307 -10.16 -6.32 2.23
C ARG B 307 -10.30 -6.35 3.75
N ASN B 308 -11.48 -5.92 4.28
CA ASN B 308 -11.68 -5.91 5.73
C ASN B 308 -11.93 -7.31 6.28
N VAL B 309 -12.53 -8.19 5.48
CA VAL B 309 -12.74 -9.58 5.90
C VAL B 309 -11.38 -10.25 6.04
N ALA B 310 -10.48 -10.02 5.06
CA ALA B 310 -9.14 -10.63 5.15
C ALA B 310 -8.38 -10.11 6.36
N ARG B 311 -8.50 -8.81 6.64
CA ARG B 311 -7.85 -8.25 7.83
C ARG B 311 -8.39 -8.92 9.10
N CYS B 312 -9.71 -8.98 9.19
CA CYS B 312 -10.39 -9.50 10.37
C CYS B 312 -10.01 -10.95 10.68
N TRP B 313 -10.12 -11.81 9.68
CA TRP B 313 -9.83 -13.22 9.91
C TRP B 313 -8.34 -13.51 10.07
N THR B 314 -7.48 -12.69 9.44
CA THR B 314 -6.03 -12.81 9.67
C THR B 314 -5.76 -12.46 11.14
N TYR B 315 -6.32 -11.34 11.62
CA TYR B 315 -6.06 -10.95 13.01
C TYR B 315 -6.64 -11.98 13.99
N GLU B 316 -7.83 -12.49 13.70
CA GLU B 316 -8.46 -13.51 14.57
C GLU B 316 -7.67 -14.81 14.60
N THR B 317 -6.99 -15.15 13.49
CA THR B 317 -6.16 -16.35 13.47
C THR B 317 -4.94 -16.08 14.38
N ALA B 318 -4.36 -14.86 14.30
CA ALA B 318 -3.23 -14.50 15.17
C ALA B 318 -3.69 -14.55 16.65
N VAL B 319 -4.91 -14.09 16.95
CA VAL B 319 -5.44 -14.14 18.34
C VAL B 319 -5.51 -15.62 18.79
N ALA B 320 -6.04 -16.50 17.92
CA ALA B 320 -6.14 -17.93 18.24
C ALA B 320 -4.75 -18.51 18.56
N LEU B 321 -3.73 -18.02 17.86
CA LEU B 321 -2.34 -18.47 18.01
C LEU B 321 -1.60 -17.79 19.16
N ASP B 322 -2.23 -16.82 19.83
CA ASP B 322 -1.60 -16.08 20.91
C ASP B 322 -0.39 -15.32 20.41
N CYS B 323 -0.52 -14.71 19.23
CA CYS B 323 0.55 -13.99 18.51
CA CYS B 323 0.58 -13.90 18.76
C CYS B 323 0.10 -12.59 18.19
N GLU B 324 0.95 -11.59 18.38
CA GLU B 324 0.60 -10.27 17.90
C GLU B 324 1.31 -10.15 16.55
N ILE B 325 0.70 -9.38 15.68
CA ILE B 325 1.25 -9.14 14.35
C ILE B 325 1.26 -7.64 14.15
N PRO B 326 2.22 -7.15 13.36
CA PRO B 326 2.30 -5.70 13.15
C PRO B 326 1.14 -5.13 12.35
N ASN B 327 0.87 -3.84 12.57
CA ASN B 327 -0.17 -3.15 11.81
C ASN B 327 0.27 -2.96 10.35
N GLU B 328 1.57 -2.86 10.09
CA GLU B 328 2.10 -2.73 8.73
C GLU B 328 1.85 -4.05 7.98
N LEU B 329 1.00 -4.01 6.91
CA LEU B 329 0.77 -5.26 6.19
C LEU B 329 2.02 -5.71 5.47
N PRO B 330 2.29 -7.00 5.48
CA PRO B 330 3.40 -7.51 4.67
C PRO B 330 2.97 -7.52 3.21
N TYR B 331 3.98 -7.52 2.31
CA TYR B 331 3.67 -7.64 0.88
C TYR B 331 2.95 -9.01 0.67
N ASN B 332 1.96 -9.06 -0.22
CA ASN B 332 1.21 -10.27 -0.46
C ASN B 332 0.60 -10.21 -1.86
N ASP B 333 0.02 -11.34 -2.31
CA ASP B 333 -0.56 -11.43 -3.65
C ASP B 333 -1.63 -10.42 -3.96
N TYR B 334 -2.28 -9.87 -2.93
CA TYR B 334 -3.38 -8.93 -3.12
C TYR B 334 -3.08 -7.60 -2.45
N PHE B 335 -1.79 -7.21 -2.38
CA PHE B 335 -1.40 -6.01 -1.66
C PHE B 335 -2.18 -4.77 -2.04
N GLU B 336 -2.43 -4.56 -3.35
CA GLU B 336 -3.15 -3.39 -3.83
C GLU B 336 -4.60 -3.30 -3.36
N TYR B 337 -5.17 -4.43 -2.89
CA TYR B 337 -6.54 -4.38 -2.40
C TYR B 337 -6.62 -3.63 -1.04
N PHE B 338 -5.48 -3.50 -0.33
CA PHE B 338 -5.47 -2.92 1.01
C PHE B 338 -5.12 -1.44 1.05
N GLY B 339 -5.12 -0.79 -0.12
CA GLY B 339 -4.92 0.65 -0.13
C GLY B 339 -6.14 1.34 0.47
N PRO B 340 -6.04 2.63 0.80
CA PRO B 340 -4.85 3.51 0.60
C PRO B 340 -3.76 3.42 1.65
N ASP B 341 -4.08 2.81 2.80
CA ASP B 341 -3.20 2.76 3.96
C ASP B 341 -2.31 1.55 4.11
N PHE B 342 -2.73 0.38 3.57
CA PHE B 342 -1.93 -0.86 3.70
C PHE B 342 -1.66 -1.24 5.16
N LYS B 343 -2.65 -0.99 6.04
CA LYS B 343 -2.57 -1.35 7.47
C LYS B 343 -3.54 -2.51 7.74
N LEU B 344 -3.31 -3.21 8.83
CA LEU B 344 -4.16 -4.34 9.19
C LEU B 344 -5.42 -3.83 9.87
N HIS B 345 -5.26 -2.85 10.79
CA HIS B 345 -6.36 -2.36 11.58
C HIS B 345 -7.15 -1.27 10.90
N ILE B 346 -8.47 -1.21 11.21
CA ILE B 346 -9.33 -0.21 10.60
C ILE B 346 -9.88 0.74 11.65
N SER B 347 -10.30 1.92 11.19
CA SER B 347 -10.85 2.92 12.09
C SER B 347 -12.36 2.89 11.98
N PRO B 348 -13.04 3.24 13.07
CA PRO B 348 -14.50 3.32 13.00
C PRO B 348 -14.91 4.59 12.25
N SER B 349 -16.14 4.62 11.77
CA SER B 349 -16.66 5.79 11.06
C SER B 349 -17.34 6.73 12.08
N ASN B 350 -17.89 7.86 11.57
CA ASN B 350 -18.61 8.79 12.42
C ASN B 350 -20.11 8.45 12.51
N MET B 351 -20.54 7.24 12.09
CA MET B 351 -21.96 6.91 12.16
C MET B 351 -22.48 6.94 13.61
N THR B 352 -23.74 7.36 13.76
CA THR B 352 -24.34 7.41 15.07
C THR B 352 -24.57 6.00 15.60
N ASN B 353 -24.29 5.79 16.89
CA ASN B 353 -24.57 4.52 17.53
C ASN B 353 -26.02 4.65 18.03
N GLN B 354 -26.96 3.99 17.36
CA GLN B 354 -28.38 4.07 17.77
C GLN B 354 -28.69 3.23 19.01
N ASN B 355 -27.74 2.42 19.49
CA ASN B 355 -27.92 1.61 20.68
C ASN B 355 -27.54 2.48 21.85
N THR B 356 -28.54 3.15 22.45
CA THR B 356 -28.26 4.01 23.60
C THR B 356 -27.74 3.16 24.78
N PRO B 357 -27.04 3.77 25.75
CA PRO B 357 -26.58 2.99 26.91
C PRO B 357 -27.73 2.34 27.66
N GLU B 358 -28.89 3.04 27.75
CA GLU B 358 -30.05 2.51 28.46
C GLU B 358 -30.68 1.34 27.70
N TYR B 359 -30.72 1.44 26.35
CA TYR B 359 -31.24 0.34 25.53
C TYR B 359 -30.36 -0.92 25.77
N MET B 360 -29.02 -0.75 25.76
CA MET B 360 -28.11 -1.87 25.94
C MET B 360 -28.28 -2.51 27.31
N GLU B 361 -28.34 -1.69 28.37
CA GLU B 361 -28.49 -2.24 29.71
C GLU B 361 -29.85 -2.89 29.94
N LYS B 362 -30.91 -2.34 29.32
CA LYS B 362 -32.24 -2.90 29.51
C LYS B 362 -32.34 -4.28 28.83
N ILE B 363 -31.78 -4.41 27.60
CA ILE B 363 -31.78 -5.70 26.91
C ILE B 363 -30.92 -6.70 27.69
N LYS B 364 -29.74 -6.25 28.18
CA LYS B 364 -28.86 -7.12 28.96
C LYS B 364 -29.58 -7.62 30.23
N GLN B 365 -30.35 -6.75 30.90
CA GLN B 365 -31.06 -7.16 32.11
C GLN B 365 -32.16 -8.17 31.78
N ARG B 366 -32.88 -7.97 30.67
CA ARG B 366 -33.93 -8.91 30.26
C ARG B 366 -33.30 -10.29 29.94
N LEU B 367 -32.12 -10.30 29.28
CA LEU B 367 -31.44 -11.56 28.97
C LEU B 367 -30.93 -12.24 30.22
N PHE B 368 -30.43 -11.46 31.18
CA PHE B 368 -29.95 -12.01 32.44
C PHE B 368 -31.11 -12.68 33.21
N GLU B 369 -32.34 -12.13 33.10
CA GLU B 369 -33.51 -12.75 33.74
C GLU B 369 -33.78 -14.13 33.13
N ASN B 370 -33.62 -14.26 31.81
CA ASN B 370 -33.83 -15.53 31.13
C ASN B 370 -32.72 -16.51 31.51
N LEU B 371 -31.47 -16.03 31.61
CA LEU B 371 -30.34 -16.89 31.96
C LEU B 371 -30.46 -17.42 33.38
N ARG B 372 -31.04 -16.63 34.29
CA ARG B 372 -31.24 -17.09 35.67
C ARG B 372 -32.30 -18.21 35.76
N MET B 373 -33.13 -18.40 34.72
CA MET B 373 -34.13 -19.45 34.66
C MET B 373 -33.53 -20.83 34.26
N LEU B 374 -32.24 -20.89 33.92
CA LEU B 374 -31.57 -22.15 33.57
C LEU B 374 -31.38 -23.00 34.84
N PRO B 375 -31.41 -24.34 34.74
CA PRO B 375 -31.24 -25.17 35.95
C PRO B 375 -29.82 -25.18 36.51
N LYS C 9 -16.34 35.20 20.77
CA LYS C 9 -17.43 34.25 20.59
C LYS C 9 -16.90 32.87 20.14
N LYS C 10 -15.83 32.85 19.33
CA LYS C 10 -15.25 31.58 18.87
C LYS C 10 -14.44 30.98 20.01
N LYS C 11 -14.65 29.71 20.30
CA LYS C 11 -13.98 29.01 21.38
C LYS C 11 -12.59 28.52 20.97
N VAL C 12 -11.60 28.68 21.87
CA VAL C 12 -10.23 28.26 21.62
C VAL C 12 -9.75 27.29 22.70
N CYS C 13 -9.30 26.09 22.30
CA CYS C 13 -8.74 25.09 23.19
C CYS C 13 -7.23 25.08 22.94
N TYR C 14 -6.44 24.97 24.00
CA TYR C 14 -4.99 25.06 23.91
C TYR C 14 -4.33 23.89 24.59
N TYR C 15 -3.39 23.22 23.89
CA TYR C 15 -2.72 22.04 24.41
C TYR C 15 -1.28 22.33 24.79
N TYR C 16 -0.92 21.96 26.02
CA TYR C 16 0.41 22.22 26.52
C TYR C 16 0.74 21.29 27.66
N ASP C 17 1.96 20.75 27.66
CA ASP C 17 2.44 19.92 28.75
C ASP C 17 3.66 20.66 29.29
N GLY C 18 3.66 20.93 30.58
CA GLY C 18 4.74 21.64 31.26
C GLY C 18 6.13 21.05 31.17
N ASP C 19 6.26 19.78 30.73
CA ASP C 19 7.59 19.16 30.59
C ASP C 19 8.17 19.35 29.18
N ILE C 20 7.36 19.82 28.20
CA ILE C 20 7.83 19.95 26.82
C ILE C 20 9.11 20.78 26.67
N GLY C 21 9.21 21.87 27.43
CA GLY C 21 10.38 22.74 27.34
C GLY C 21 11.67 22.13 27.84
N ASN C 22 11.60 20.97 28.54
CA ASN C 22 12.79 20.34 29.08
C ASN C 22 13.50 19.41 28.09
N TYR C 23 12.86 19.04 26.96
CA TYR C 23 13.54 18.17 25.98
C TYR C 23 14.64 18.95 25.29
N TYR C 24 15.78 18.32 25.10
CA TYR C 24 16.95 18.97 24.54
C TYR C 24 17.56 18.19 23.41
N TYR C 25 17.59 18.77 22.21
CA TYR C 25 18.13 18.09 21.05
C TYR C 25 19.66 17.92 21.05
N GLY C 26 20.36 18.63 21.95
CA GLY C 26 21.82 18.54 21.98
C GLY C 26 22.56 19.82 21.66
N GLN C 27 23.85 19.89 22.06
CA GLN C 27 24.68 21.07 21.85
C GLN C 27 24.77 21.51 20.38
N GLY C 28 24.42 22.78 20.17
CA GLY C 28 24.45 23.37 18.85
C GLY C 28 23.24 23.09 17.97
N HIS C 29 22.36 22.15 18.37
CA HIS C 29 21.19 21.84 17.53
C HIS C 29 20.24 23.03 17.55
N PRO C 30 19.81 23.51 16.37
CA PRO C 30 18.93 24.69 16.36
C PRO C 30 17.52 24.49 16.93
N MET C 31 17.00 23.25 16.97
CA MET C 31 15.64 23.02 17.49
C MET C 31 15.64 23.05 19.01
N LYS C 32 14.90 24.02 19.56
CA LYS C 32 14.84 24.25 21.00
C LYS C 32 13.45 24.20 21.59
N PRO C 33 13.02 23.05 22.10
CA PRO C 33 11.69 22.94 22.71
C PRO C 33 11.39 23.96 23.81
N HIS C 34 12.44 24.54 24.42
CA HIS C 34 12.28 25.60 25.43
C HIS C 34 11.47 26.79 24.87
N ARG C 35 11.51 27.03 23.53
CA ARG C 35 10.74 28.10 22.90
C ARG C 35 9.22 27.94 23.17
N ILE C 36 8.75 26.69 23.39
N ILE C 36 8.74 26.69 23.38
CA ILE C 36 7.33 26.44 23.66
CA ILE C 36 7.32 26.48 23.66
C ILE C 36 6.98 26.95 25.06
C ILE C 36 6.97 26.94 25.07
N ARG C 37 7.89 26.74 26.03
CA ARG C 37 7.68 27.18 27.40
C ARG C 37 7.77 28.73 27.43
N MET C 38 8.69 29.34 26.64
CA MET C 38 8.77 30.81 26.56
C MET C 38 7.45 31.37 26.01
N THR C 39 6.92 30.72 24.96
CA THR C 39 5.64 31.15 24.39
C THR C 39 4.53 31.06 25.43
N HIS C 40 4.45 29.93 26.13
CA HIS C 40 3.43 29.68 27.13
C HIS C 40 3.47 30.73 28.25
N ASN C 41 4.67 31.01 28.76
CA ASN C 41 4.80 31.97 29.86
C ASN C 41 4.43 33.38 29.40
N LEU C 42 4.79 33.74 28.17
CA LEU C 42 4.45 35.06 27.64
C LEU C 42 2.93 35.21 27.49
N LEU C 43 2.26 34.21 26.88
CA LEU C 43 0.80 34.31 26.70
C LEU C 43 0.05 34.23 28.05
N LEU C 44 0.63 33.55 29.05
CA LEU C 44 0.04 33.47 30.39
C LEU C 44 0.09 34.87 31.02
N ASN C 45 1.24 35.56 30.90
CA ASN C 45 1.41 36.89 31.47
C ASN C 45 0.65 38.00 30.75
N TYR C 46 0.22 37.74 29.50
CA TYR C 46 -0.60 38.69 28.76
C TYR C 46 -2.10 38.53 29.13
N GLY C 47 -2.46 37.49 29.89
CA GLY C 47 -3.82 37.21 30.30
C GLY C 47 -4.61 36.38 29.30
N LEU C 48 -3.92 35.77 28.31
CA LEU C 48 -4.57 34.98 27.26
C LEU C 48 -4.92 33.58 27.72
N TYR C 49 -4.07 32.98 28.57
CA TYR C 49 -4.24 31.64 29.14
C TYR C 49 -5.63 31.50 29.78
N ARG C 50 -6.08 32.56 30.47
CA ARG C 50 -7.37 32.66 31.15
C ARG C 50 -8.57 32.58 30.18
N LYS C 51 -8.43 33.09 28.96
CA LYS C 51 -9.51 33.10 27.96
C LYS C 51 -9.65 31.81 27.15
N MET C 52 -8.76 30.84 27.37
CA MET C 52 -8.80 29.57 26.64
C MET C 52 -9.06 28.39 27.55
N GLU C 53 -9.54 27.29 26.97
CA GLU C 53 -9.72 26.06 27.72
C GLU C 53 -8.35 25.41 27.61
N ILE C 54 -7.66 25.21 28.73
CA ILE C 54 -6.31 24.65 28.71
C ILE C 54 -6.32 23.16 28.99
N TYR C 55 -5.57 22.39 28.19
CA TYR C 55 -5.51 20.94 28.38
C TYR C 55 -4.09 20.44 28.33
N ARG C 56 -3.79 19.48 29.19
CA ARG C 56 -2.49 18.84 29.19
C ARG C 56 -2.78 17.62 28.32
N PRO C 57 -2.14 17.51 27.14
CA PRO C 57 -2.46 16.39 26.26
C PRO C 57 -1.99 15.05 26.78
N HIS C 58 -2.79 14.02 26.54
CA HIS C 58 -2.41 12.66 26.90
C HIS C 58 -1.35 12.24 25.89
N LYS C 59 -0.35 11.47 26.32
CA LYS C 59 0.69 10.99 25.44
C LYS C 59 0.09 10.09 24.36
N ALA C 60 0.42 10.33 23.07
CA ALA C 60 -0.07 9.48 21.99
C ALA C 60 0.58 8.10 22.16
N THR C 61 -0.20 7.02 21.99
CA THR C 61 0.36 5.69 22.12
C THR C 61 1.13 5.28 20.88
N ALA C 62 2.04 4.28 21.00
CA ALA C 62 2.74 3.74 19.83
C ALA C 62 1.70 3.22 18.80
N GLU C 63 0.58 2.66 19.30
CA GLU C 63 -0.48 2.14 18.44
C GLU C 63 -1.13 3.25 17.64
N GLU C 64 -1.39 4.43 18.24
CA GLU C 64 -1.95 5.56 17.50
C GLU C 64 -0.95 5.98 16.40
N MET C 65 0.36 5.99 16.74
CA MET C 65 1.38 6.36 15.77
C MET C 65 1.45 5.43 14.59
N THR C 66 1.21 4.11 14.80
CA THR C 66 1.26 3.16 13.68
C THR C 66 0.04 3.24 12.77
N LYS C 67 -0.92 4.15 13.01
CA LYS C 67 -2.00 4.37 12.03
C LYS C 67 -1.35 4.92 10.73
N TYR C 68 -0.14 5.55 10.85
CA TYR C 68 0.56 6.08 9.71
C TYR C 68 1.98 5.51 9.61
N HIS C 69 2.74 5.61 10.70
CA HIS C 69 4.13 5.17 10.67
C HIS C 69 4.28 3.67 10.69
N SER C 70 5.41 3.16 10.20
CA SER C 70 5.61 1.69 10.24
C SER C 70 5.87 1.21 11.68
N ASP C 71 5.52 -0.05 11.96
CA ASP C 71 5.74 -0.60 13.29
C ASP C 71 7.24 -0.64 13.62
N GLU C 72 8.08 -1.03 12.65
CA GLU C 72 9.53 -1.12 12.94
C GLU C 72 10.11 0.26 13.26
N TYR C 73 9.61 1.31 12.58
CA TYR C 73 10.13 2.65 12.84
C TYR C 73 9.72 3.14 14.24
N ILE C 74 8.45 2.94 14.61
CA ILE C 74 7.98 3.35 15.93
C ILE C 74 8.67 2.53 17.02
N LYS C 75 8.87 1.22 16.80
CA LYS C 75 9.58 0.39 17.80
C LYS C 75 11.00 0.90 18.01
N PHE C 76 11.64 1.31 16.92
CA PHE C 76 12.99 1.88 16.97
C PHE C 76 12.97 3.16 17.82
N LEU C 77 12.00 4.06 17.57
CA LEU C 77 11.93 5.32 18.34
C LEU C 77 11.71 5.05 19.81
N ARG C 78 10.94 4.00 20.14
CA ARG C 78 10.66 3.67 21.54
C ARG C 78 11.87 3.02 22.23
N SER C 79 12.77 2.41 21.46
CA SER C 79 13.89 1.65 22.01
C SER C 79 15.21 2.36 22.07
N ILE C 80 15.50 3.24 21.09
CA ILE C 80 16.78 3.93 21.01
C ILE C 80 17.03 4.90 22.17
N ARG C 81 18.26 4.90 22.67
CA ARG C 81 18.67 5.73 23.80
C ARG C 81 20.09 6.23 23.51
N PRO C 82 20.50 7.37 24.09
CA PRO C 82 21.89 7.84 23.87
C PRO C 82 22.94 6.79 24.29
N ASP C 83 22.65 5.99 25.33
CA ASP C 83 23.65 5.01 25.79
C ASP C 83 23.55 3.63 25.12
N ASN C 84 22.69 3.46 24.11
CA ASN C 84 22.59 2.16 23.44
C ASN C 84 22.70 2.26 21.92
N MET C 85 22.99 3.46 21.36
CA MET C 85 23.10 3.67 19.92
C MET C 85 23.96 2.65 19.17
N SER C 86 24.98 2.03 19.81
CA SER C 86 25.81 1.03 19.14
C SER C 86 25.03 -0.24 18.78
N GLU C 87 23.99 -0.58 19.54
CA GLU C 87 23.16 -1.75 19.24
C GLU C 87 22.17 -1.44 18.07
N TYR C 88 22.14 -0.18 17.55
CA TYR C 88 21.20 0.24 16.52
C TYR C 88 21.83 1.01 15.35
N SER C 89 23.12 0.79 15.04
CA SER C 89 23.78 1.52 13.95
C SER C 89 23.11 1.33 12.58
N LYS C 90 22.65 0.10 12.28
CA LYS C 90 21.99 -0.18 11.02
C LYS C 90 20.62 0.50 10.99
N GLN C 91 19.87 0.42 12.10
CA GLN C 91 18.54 1.04 12.14
C GLN C 91 18.64 2.57 12.08
N MET C 92 19.71 3.15 12.63
CA MET C 92 19.89 4.62 12.53
C MET C 92 20.04 5.04 11.07
N GLN C 93 20.75 4.26 10.27
CA GLN C 93 20.92 4.59 8.85
C GLN C 93 19.55 4.37 8.13
N ARG C 94 18.85 3.29 8.44
CA ARG C 94 17.57 2.98 7.82
C ARG C 94 16.52 4.06 8.10
N PHE C 95 16.51 4.58 9.32
CA PHE C 95 15.49 5.55 9.73
C PHE C 95 15.95 7.01 9.74
N ASN C 96 17.15 7.29 9.22
CA ASN C 96 17.73 8.64 9.12
C ASN C 96 17.83 9.33 10.46
N VAL C 97 18.29 8.59 11.47
CA VAL C 97 18.49 9.19 12.78
C VAL C 97 19.98 9.50 12.79
N GLY C 98 20.31 10.78 12.80
CA GLY C 98 21.68 11.26 12.74
C GLY C 98 21.82 12.69 13.23
N GLU C 99 22.50 13.59 12.47
CA GLU C 99 22.70 14.95 12.95
C GLU C 99 21.46 15.79 13.00
N ASP C 100 20.65 15.82 11.92
CA ASP C 100 19.43 16.61 11.96
C ASP C 100 18.45 16.03 12.95
N CYS C 101 18.37 14.69 13.03
CA CYS C 101 17.42 14.05 13.94
C CYS C 101 18.18 13.21 14.92
N PRO C 102 18.75 13.85 15.95
CA PRO C 102 19.57 13.10 16.91
C PRO C 102 18.81 12.28 17.91
N VAL C 103 19.52 11.40 18.62
CA VAL C 103 18.95 10.61 19.67
C VAL C 103 19.17 11.41 20.94
N PHE C 104 18.11 11.74 21.64
CA PHE C 104 18.22 12.49 22.89
C PHE C 104 17.38 11.84 23.97
N ASP C 105 17.68 12.17 25.26
CA ASP C 105 16.92 11.65 26.37
C ASP C 105 15.45 12.03 26.29
N GLY C 106 14.58 11.01 26.40
CA GLY C 106 13.14 11.21 26.36
C GLY C 106 12.57 11.46 24.97
N LEU C 107 13.34 11.14 23.91
CA LEU C 107 12.89 11.33 22.52
C LEU C 107 11.45 10.82 22.27
N PHE C 108 11.18 9.56 22.65
CA PHE C 108 9.85 9.01 22.43
C PHE C 108 8.77 9.78 23.16
N GLU C 109 9.03 10.17 24.42
CA GLU C 109 8.04 10.94 25.19
C GLU C 109 7.77 12.29 24.53
N PHE C 110 8.82 12.92 23.97
CA PHE C 110 8.67 14.20 23.25
C PHE C 110 7.72 14.00 22.05
N CYS C 111 7.93 12.91 21.30
CA CYS C 111 7.04 12.61 20.16
C CYS C 111 5.61 12.35 20.63
N GLN C 112 5.46 11.67 21.76
CA GLN C 112 4.15 11.35 22.30
C GLN C 112 3.39 12.59 22.71
N LEU C 113 4.07 13.59 23.28
CA LEU C 113 3.43 14.81 23.73
C LEU C 113 3.12 15.75 22.56
N SER C 114 4.06 15.86 21.62
CA SER C 114 3.88 16.68 20.42
C SER C 114 2.66 16.15 19.63
N THR C 115 2.63 14.83 19.39
CA THR C 115 1.54 14.19 18.64
C THR C 115 0.24 14.19 19.43
N GLY C 116 0.33 13.92 20.73
CA GLY C 116 -0.86 13.88 21.59
C GLY C 116 -1.69 15.15 21.53
N GLY C 117 -1.02 16.30 21.53
CA GLY C 117 -1.71 17.58 21.45
C GLY C 117 -2.43 17.77 20.14
N SER C 118 -1.79 17.37 19.02
CA SER C 118 -2.41 17.54 17.71
C SER C 118 -3.61 16.62 17.54
N VAL C 119 -3.48 15.34 17.91
CA VAL C 119 -4.58 14.39 17.78
C VAL C 119 -5.72 14.79 18.72
N ALA C 120 -5.41 15.23 19.95
CA ALA C 120 -6.46 15.65 20.88
C ALA C 120 -7.22 16.85 20.36
N GLY C 121 -6.51 17.79 19.72
CA GLY C 121 -7.14 18.96 19.13
C GLY C 121 -8.08 18.55 18.01
N ALA C 122 -7.66 17.59 17.19
CA ALA C 122 -8.51 17.10 16.08
C ALA C 122 -9.75 16.43 16.64
N VAL C 123 -9.61 15.65 17.73
CA VAL C 123 -10.78 14.99 18.35
C VAL C 123 -11.75 16.05 18.87
N LYS C 124 -11.22 17.10 19.51
CA LYS C 124 -12.04 18.19 20.05
C LYS C 124 -12.84 18.88 18.94
N LEU C 125 -12.21 19.11 17.77
CA LEU C 125 -12.89 19.72 16.63
C LEU C 125 -13.93 18.76 16.05
N ASN C 126 -13.61 17.46 15.96
CA ASN C 126 -14.55 16.47 15.43
C ASN C 126 -15.82 16.41 16.29
N ARG C 127 -15.64 16.48 17.61
CA ARG C 127 -16.77 16.45 18.54
C ARG C 127 -17.57 17.75 18.62
N GLN C 128 -17.16 18.79 17.85
CA GLN C 128 -17.78 20.12 17.82
C GLN C 128 -17.77 20.77 19.21
N GLN C 129 -16.70 20.51 19.97
CA GLN C 129 -16.56 21.08 21.30
C GLN C 129 -15.67 22.33 21.34
N THR C 130 -15.10 22.73 20.18
CA THR C 130 -14.28 23.92 20.03
C THR C 130 -14.29 24.40 18.59
N ASP C 131 -13.95 25.68 18.38
CA ASP C 131 -13.85 26.25 17.04
C ASP C 131 -12.40 26.20 16.57
N MET C 132 -11.45 26.43 17.49
CA MET C 132 -10.03 26.39 17.23
C MET C 132 -9.35 25.54 18.30
N ALA C 133 -8.32 24.80 17.90
CA ALA C 133 -7.49 24.00 18.81
C ALA C 133 -6.06 24.40 18.47
N VAL C 134 -5.25 24.69 19.48
CA VAL C 134 -3.87 25.14 19.30
C VAL C 134 -2.90 24.19 19.94
N ASN C 135 -1.87 23.77 19.20
CA ASN C 135 -0.82 22.89 19.73
C ASN C 135 0.53 23.40 19.22
N TRP C 136 1.16 24.34 19.96
CA TRP C 136 2.44 24.88 19.51
C TRP C 136 3.57 23.85 19.51
N ALA C 137 3.43 22.73 20.23
CA ALA C 137 4.45 21.68 20.20
C ALA C 137 4.34 20.78 18.96
N GLY C 138 3.28 20.94 18.15
CA GLY C 138 3.12 20.13 16.96
C GLY C 138 3.62 20.84 15.71
N GLY C 139 3.21 20.35 14.56
CA GLY C 139 3.62 20.93 13.27
C GLY C 139 4.91 20.35 12.71
N LEU C 140 5.27 19.12 13.13
CA LEU C 140 6.53 18.51 12.69
C LEU C 140 6.35 17.79 11.33
N HIS C 141 6.20 18.64 10.32
CA HIS C 141 5.81 18.30 8.98
C HIS C 141 6.74 17.45 8.11
N HIS C 142 8.02 17.24 8.51
CA HIS C 142 8.90 16.47 7.62
C HIS C 142 8.90 14.97 7.88
N ALA C 143 8.40 14.52 9.05
CA ALA C 143 8.47 13.08 9.37
C ALA C 143 7.78 12.23 8.34
N LYS C 144 8.42 11.12 7.97
CA LYS C 144 7.88 10.21 6.95
C LYS C 144 7.40 8.90 7.56
N LYS C 145 6.74 8.04 6.76
CA LYS C 145 6.20 6.77 7.28
C LYS C 145 7.23 5.97 8.08
N SER C 146 8.43 5.86 7.50
CA SER C 146 9.49 5.10 8.14
C SER C 146 10.81 5.82 8.11
N GLU C 147 10.78 7.13 8.37
CA GLU C 147 12.01 7.90 8.38
C GLU C 147 11.84 9.20 9.14
N ALA C 148 12.82 9.52 10.00
CA ALA C 148 12.86 10.82 10.66
C ALA C 148 13.45 11.78 9.60
N SER C 149 13.11 13.07 9.69
CA SER C 149 13.63 14.04 8.74
C SER C 149 13.51 15.44 9.29
N GLY C 150 14.53 16.26 9.07
CA GLY C 150 14.46 17.66 9.44
C GLY C 150 13.91 18.01 10.81
N PHE C 151 14.51 17.40 11.84
CA PHE C 151 14.17 17.60 13.24
C PHE C 151 12.84 16.98 13.67
N CYS C 152 12.15 16.27 12.75
CA CYS C 152 10.83 15.69 12.99
C CYS C 152 10.95 14.17 13.00
N TYR C 153 10.28 13.52 13.98
CA TYR C 153 10.33 12.06 14.05
C TYR C 153 8.97 11.42 13.83
N VAL C 154 7.91 11.98 14.43
CA VAL C 154 6.54 11.50 14.30
C VAL C 154 5.72 12.61 13.68
N ASN C 155 5.01 12.31 12.59
CA ASN C 155 4.25 13.32 11.88
C ASN C 155 2.93 13.54 12.55
N ASP C 156 2.93 14.43 13.57
CA ASP C 156 1.70 14.73 14.31
C ASP C 156 0.60 15.29 13.41
N ILE C 157 1.01 16.00 12.34
CA ILE C 157 0.04 16.61 11.44
C ILE C 157 -0.71 15.56 10.68
N VAL C 158 -0.01 14.57 10.10
CA VAL C 158 -0.67 13.52 9.34
C VAL C 158 -1.61 12.74 10.26
N LEU C 159 -1.15 12.44 11.48
CA LEU C 159 -2.02 11.73 12.44
C LEU C 159 -3.25 12.56 12.79
N ALA C 160 -3.12 13.88 12.98
CA ALA C 160 -4.27 14.72 13.29
C ALA C 160 -5.22 14.78 12.09
N ILE C 161 -4.67 14.84 10.86
CA ILE C 161 -5.54 14.89 9.68
C ILE C 161 -6.27 13.57 9.48
N LEU C 162 -5.63 12.42 9.76
CA LEU C 162 -6.33 11.12 9.66
C LEU C 162 -7.51 11.11 10.65
N GLU C 163 -7.33 11.71 11.84
CA GLU C 163 -8.42 11.80 12.81
C GLU C 163 -9.54 12.73 12.27
N LEU C 164 -9.17 13.92 11.74
CA LEU C 164 -10.19 14.82 11.16
C LEU C 164 -10.98 14.19 10.03
N LEU C 165 -10.33 13.30 9.24
CA LEU C 165 -11.00 12.66 8.10
C LEU C 165 -12.13 11.71 8.48
N LYS C 166 -12.22 11.34 9.77
CA LYS C 166 -13.34 10.49 10.22
C LYS C 166 -14.64 11.31 10.19
N TYR C 167 -14.58 12.64 10.41
CA TYR C 167 -15.76 13.50 10.46
C TYR C 167 -15.84 14.55 9.36
N HIS C 168 -14.77 14.71 8.58
CA HIS C 168 -14.72 15.72 7.52
C HIS C 168 -14.37 15.10 6.18
N GLN C 169 -15.22 15.31 5.16
CA GLN C 169 -14.94 14.76 3.82
C GLN C 169 -13.69 15.37 3.18
N ARG C 170 -13.51 16.67 3.38
CA ARG C 170 -12.38 17.40 2.79
C ARG C 170 -11.67 18.24 3.86
N VAL C 171 -10.35 18.08 3.96
CA VAL C 171 -9.55 18.84 4.91
C VAL C 171 -8.50 19.63 4.15
N LEU C 172 -8.31 20.92 4.50
CA LEU C 172 -7.31 21.76 3.87
C LEU C 172 -6.15 21.94 4.84
N TYR C 173 -4.93 21.69 4.36
CA TYR C 173 -3.72 21.86 5.16
C TYR C 173 -2.98 23.04 4.53
N ILE C 174 -2.63 24.06 5.34
CA ILE C 174 -1.87 25.22 4.88
C ILE C 174 -0.59 25.28 5.72
N ASP C 175 0.55 25.47 5.09
CA ASP C 175 1.84 25.44 5.77
C ASP C 175 2.64 26.72 5.42
N ILE C 176 2.86 27.57 6.44
CA ILE C 176 3.61 28.82 6.24
C ILE C 176 5.00 28.79 6.85
N ASP C 177 5.49 27.58 7.20
CA ASP C 177 6.88 27.40 7.64
C ASP C 177 7.75 27.76 6.42
N ILE C 178 9.00 28.20 6.65
CA ILE C 178 9.85 28.52 5.50
C ILE C 178 10.24 27.27 4.69
N HIS C 179 10.19 26.07 5.32
CA HIS C 179 10.55 24.84 4.66
C HIS C 179 9.32 24.14 4.08
N HIS C 180 9.48 23.47 2.93
CA HIS C 180 8.36 22.76 2.29
C HIS C 180 7.79 21.70 3.23
N GLY C 181 6.46 21.61 3.33
CA GLY C 181 5.80 20.60 4.16
C GLY C 181 5.75 19.26 3.42
N ASP C 182 6.91 18.68 3.16
CA ASP C 182 7.02 17.47 2.37
C ASP C 182 6.37 16.23 2.97
N GLY C 183 6.55 15.99 4.26
CA GLY C 183 5.98 14.79 4.89
C GLY C 183 4.46 14.75 4.79
N VAL C 184 3.82 15.90 4.98
CA VAL C 184 2.36 15.98 4.90
C VAL C 184 1.91 15.86 3.45
N GLU C 185 2.58 16.60 2.54
CA GLU C 185 2.25 16.51 1.12
C GLU C 185 2.35 15.06 0.61
N GLU C 186 3.41 14.36 1.00
CA GLU C 186 3.63 12.97 0.57
C GLU C 186 2.54 12.04 1.10
N ALA C 187 2.16 12.21 2.37
CA ALA C 187 1.13 11.34 2.96
C ALA C 187 -0.18 11.37 2.18
N PHE C 188 -0.54 12.57 1.69
CA PHE C 188 -1.82 12.72 0.99
C PHE C 188 -1.71 13.02 -0.51
N TYR C 189 -0.54 12.79 -1.10
CA TYR C 189 -0.29 13.12 -2.51
C TYR C 189 -1.27 12.53 -3.49
N THR C 190 -1.80 11.34 -3.17
CA THR C 190 -2.71 10.67 -4.13
C THR C 190 -4.16 10.70 -3.70
N THR C 191 -4.54 11.59 -2.77
CA THR C 191 -5.95 11.70 -2.41
C THR C 191 -6.50 13.10 -2.62
N ASP C 192 -7.80 13.16 -2.90
CA ASP C 192 -8.48 14.44 -3.05
C ASP C 192 -9.17 14.83 -1.72
N ARG C 193 -9.11 13.96 -0.66
CA ARG C 193 -9.71 14.26 0.63
C ARG C 193 -8.90 15.23 1.48
N VAL C 194 -7.65 15.51 1.06
CA VAL C 194 -6.81 16.50 1.73
C VAL C 194 -6.18 17.34 0.63
N MET C 195 -6.24 18.67 0.78
CA MET C 195 -5.54 19.55 -0.14
C MET C 195 -4.38 20.13 0.68
N THR C 196 -3.15 20.02 0.18
CA THR C 196 -2.00 20.57 0.92
C THR C 196 -1.50 21.80 0.18
N VAL C 197 -1.27 22.89 0.89
CA VAL C 197 -0.81 24.15 0.28
C VAL C 197 0.41 24.63 1.07
N SER C 198 1.57 24.71 0.42
CA SER C 198 2.80 25.10 1.09
C SER C 198 3.43 26.31 0.40
N PHE C 199 3.79 27.33 1.19
CA PHE C 199 4.48 28.55 0.75
C PHE C 199 5.87 28.37 1.39
N HIS C 200 6.94 28.35 0.58
CA HIS C 200 8.26 28.05 1.16
C HIS C 200 9.41 28.52 0.30
N LYS C 201 10.60 28.62 0.92
CA LYS C 201 11.79 28.95 0.18
C LYS C 201 12.13 27.71 -0.66
N TYR C 202 12.44 27.93 -1.93
CA TYR C 202 12.77 26.84 -2.84
C TYR C 202 14.04 27.19 -3.62
N GLY C 203 14.99 26.25 -3.69
CA GLY C 203 16.25 26.45 -4.39
C GLY C 203 17.42 26.47 -3.44
N GLU C 204 18.30 25.44 -3.51
CA GLU C 204 19.47 25.31 -2.60
C GLU C 204 19.01 25.39 -1.15
N TYR C 205 17.92 24.66 -0.83
CA TYR C 205 17.36 24.76 0.51
C TYR C 205 16.62 23.48 0.86
N PHE C 206 16.76 23.05 2.10
CA PHE C 206 16.10 21.82 2.58
C PHE C 206 14.58 21.96 2.50
N PRO C 207 13.84 20.88 2.18
CA PRO C 207 14.27 19.53 1.81
C PRO C 207 14.54 19.31 0.33
N GLY C 208 14.47 20.36 -0.47
CA GLY C 208 14.72 20.26 -1.90
C GLY C 208 13.50 19.96 -2.75
N THR C 209 12.34 19.82 -2.10
CA THR C 209 11.09 19.51 -2.76
C THR C 209 10.10 20.70 -2.76
N GLY C 210 8.92 20.51 -3.34
CA GLY C 210 7.91 21.55 -3.36
C GLY C 210 8.06 22.46 -4.56
N ASP C 211 8.34 21.85 -5.71
CA ASP C 211 8.47 22.61 -6.95
C ASP C 211 7.06 23.04 -7.42
N LEU C 212 7.02 24.08 -8.26
CA LEU C 212 5.76 24.57 -8.82
C LEU C 212 4.98 23.42 -9.55
N ARG C 213 5.72 22.53 -10.20
CA ARG C 213 5.17 21.40 -10.98
C ARG C 213 4.63 20.24 -10.12
N ASP C 214 4.91 20.25 -8.81
CA ASP C 214 4.42 19.18 -7.93
C ASP C 214 3.00 19.49 -7.55
N ILE C 215 2.03 18.91 -8.28
CA ILE C 215 0.62 19.19 -8.05
C ILE C 215 -0.22 17.98 -7.63
N GLY C 216 0.42 16.87 -7.30
CA GLY C 216 -0.34 15.67 -6.89
C GLY C 216 -0.37 14.63 -7.99
N ALA C 217 -0.87 13.44 -7.64
CA ALA C 217 -0.96 12.31 -8.60
C ALA C 217 -2.24 11.50 -8.36
N GLY C 218 -2.69 10.76 -9.38
CA GLY C 218 -3.92 9.97 -9.29
C GLY C 218 -5.11 10.86 -8.96
N LYS C 219 -5.96 10.41 -8.04
CA LYS C 219 -7.11 11.23 -7.61
C LYS C 219 -6.66 12.56 -6.95
N GLY C 220 -5.42 12.61 -6.50
CA GLY C 220 -4.90 13.82 -5.87
C GLY C 220 -4.31 14.81 -6.85
N LYS C 221 -4.42 14.57 -8.19
CA LYS C 221 -3.89 15.54 -9.17
C LYS C 221 -4.67 16.85 -9.01
N TYR C 222 -3.92 17.95 -8.81
CA TYR C 222 -4.39 19.31 -8.54
C TYR C 222 -4.71 19.56 -7.06
N TYR C 223 -4.54 18.56 -6.19
CA TYR C 223 -4.83 18.72 -4.76
C TYR C 223 -3.56 18.98 -3.92
N ALA C 224 -2.42 19.23 -4.57
CA ALA C 224 -1.19 19.63 -3.87
C ALA C 224 -0.80 20.96 -4.53
N VAL C 225 -0.55 21.98 -3.72
CA VAL C 225 -0.21 23.31 -4.22
C VAL C 225 1.09 23.76 -3.58
N ASN C 226 2.05 24.21 -4.41
CA ASN C 226 3.34 24.68 -3.90
C ASN C 226 3.64 26.05 -4.46
N PHE C 227 4.01 26.98 -3.58
CA PHE C 227 4.38 28.34 -4.00
C PHE C 227 5.85 28.49 -3.64
N PRO C 228 6.74 28.20 -4.60
CA PRO C 228 8.19 28.31 -4.34
C PRO C 228 8.61 29.78 -4.31
N MET C 229 9.38 30.16 -3.30
CA MET C 229 9.83 31.54 -3.10
C MET C 229 11.33 31.65 -3.00
N ARG C 230 11.85 32.87 -3.27
CA ARG C 230 13.26 33.19 -3.15
C ARG C 230 13.48 33.97 -1.82
N ASP C 231 14.73 34.27 -1.46
CA ASP C 231 15.02 34.99 -0.22
C ASP C 231 14.35 36.35 -0.12
N GLY C 232 14.20 36.83 1.10
CA GLY C 232 13.75 38.19 1.37
C GLY C 232 12.32 38.59 1.17
N ILE C 233 11.39 37.62 1.00
CA ILE C 233 9.98 38.00 0.85
C ILE C 233 9.50 38.83 2.05
N ASP C 234 8.74 39.91 1.82
CA ASP C 234 8.29 40.77 2.89
C ASP C 234 6.77 40.70 3.11
N ASP C 235 6.25 41.42 4.13
CA ASP C 235 4.84 41.41 4.47
C ASP C 235 3.94 41.73 3.30
N GLU C 236 4.25 42.80 2.55
CA GLU C 236 3.45 43.19 1.40
C GLU C 236 3.40 42.12 0.32
N SER C 237 4.55 41.61 -0.10
CA SER C 237 4.59 40.61 -1.17
C SER C 237 3.94 39.30 -0.76
N TYR C 238 4.20 38.86 0.47
CA TYR C 238 3.62 37.60 0.95
C TYR C 238 2.10 37.72 1.07
N GLY C 239 1.62 38.81 1.66
CA GLY C 239 0.19 39.04 1.85
C GLY C 239 -0.57 39.13 0.54
N GLN C 240 0.06 39.68 -0.50
CA GLN C 240 -0.53 39.83 -1.83
C GLN C 240 -0.73 38.50 -2.55
N ILE C 241 -0.02 37.43 -2.11
CA ILE C 241 -0.25 36.14 -2.75
C ILE C 241 -1.00 35.20 -1.81
N PHE C 242 -0.80 35.31 -0.48
CA PHE C 242 -1.46 34.41 0.45
C PHE C 242 -2.99 34.53 0.39
N LYS C 243 -3.53 35.75 0.56
CA LYS C 243 -4.98 35.92 0.53
C LYS C 243 -5.63 35.48 -0.80
N PRO C 244 -5.17 35.93 -1.97
CA PRO C 244 -5.81 35.50 -3.22
C PRO C 244 -5.74 33.99 -3.44
N ILE C 245 -4.57 33.36 -3.17
CA ILE C 245 -4.42 31.90 -3.34
C ILE C 245 -5.35 31.14 -2.39
N ILE C 246 -5.32 31.48 -1.10
CA ILE C 246 -6.17 30.80 -0.13
C ILE C 246 -7.65 31.04 -0.43
N SER C 247 -8.01 32.25 -0.90
CA SER C 247 -9.42 32.53 -1.22
C SER C 247 -9.86 31.65 -2.41
N LYS C 248 -9.00 31.48 -3.41
CA LYS C 248 -9.34 30.64 -4.58
C LYS C 248 -9.40 29.16 -4.16
N VAL C 249 -8.48 28.73 -3.27
CA VAL C 249 -8.50 27.36 -2.77
C VAL C 249 -9.82 27.09 -2.00
N MET C 250 -10.22 28.01 -1.12
CA MET C 250 -11.46 27.86 -0.34
C MET C 250 -12.68 27.76 -1.27
N GLU C 251 -12.72 28.62 -2.29
CA GLU C 251 -13.80 28.64 -3.27
C GLU C 251 -13.91 27.33 -4.05
N MET C 252 -12.80 26.84 -4.62
CA MET C 252 -12.76 25.63 -5.42
C MET C 252 -12.86 24.34 -4.62
N TYR C 253 -12.16 24.28 -3.49
CA TYR C 253 -12.11 23.04 -2.70
C TYR C 253 -13.22 22.89 -1.65
N GLN C 254 -13.71 24.00 -1.08
CA GLN C 254 -14.76 23.96 -0.06
C GLN C 254 -14.48 22.97 1.07
N PRO C 255 -13.36 23.14 1.78
CA PRO C 255 -13.05 22.20 2.87
C PRO C 255 -13.97 22.39 4.08
N SER C 256 -14.09 21.35 4.92
CA SER C 256 -14.92 21.49 6.13
C SER C 256 -14.09 21.62 7.41
N ALA C 257 -12.75 21.52 7.30
CA ALA C 257 -11.84 21.69 8.43
C ALA C 257 -10.50 22.14 7.86
N VAL C 258 -9.73 22.91 8.64
CA VAL C 258 -8.45 23.43 8.17
C VAL C 258 -7.39 23.17 9.22
N VAL C 259 -6.18 22.82 8.78
CA VAL C 259 -5.03 22.64 9.67
C VAL C 259 -4.01 23.65 9.18
N LEU C 260 -3.57 24.54 10.06
CA LEU C 260 -2.60 25.57 9.68
C LEU C 260 -1.30 25.37 10.47
N GLN C 261 -0.21 25.08 9.77
CA GLN C 261 1.12 24.92 10.36
C GLN C 261 1.71 26.34 10.33
N CYS C 262 2.01 26.89 11.51
CA CYS C 262 2.48 28.26 11.74
C CYS C 262 3.97 28.37 12.01
N GLY C 263 4.79 27.59 11.30
CA GLY C 263 6.25 27.61 11.47
C GLY C 263 6.78 29.04 11.42
N ALA C 264 7.43 29.46 12.52
CA ALA C 264 7.91 30.84 12.69
C ALA C 264 9.28 31.14 12.09
N ASP C 265 9.84 30.19 11.36
CA ASP C 265 11.13 30.39 10.69
C ASP C 265 11.02 31.21 9.40
N SER C 266 9.79 31.60 9.03
CA SER C 266 9.57 32.49 7.89
C SER C 266 9.66 33.97 8.38
N LEU C 267 9.95 34.22 9.67
CA LEU C 267 10.08 35.59 10.17
C LEU C 267 11.47 36.13 9.87
N SER C 268 11.57 37.46 9.78
CA SER C 268 12.82 38.18 9.61
C SER C 268 13.71 37.85 10.85
N GLY C 269 15.00 37.67 10.63
CA GLY C 269 15.96 37.40 11.71
C GLY C 269 16.03 35.97 12.21
N ASP C 270 15.35 35.04 11.54
CA ASP C 270 15.40 33.63 11.95
C ASP C 270 16.81 33.06 11.71
N ARG C 271 17.33 32.24 12.65
CA ARG C 271 18.66 31.67 12.51
C ARG C 271 18.86 30.78 11.27
N LEU C 272 17.80 30.09 10.84
CA LEU C 272 17.90 29.20 9.67
C LEU C 272 17.20 29.76 8.43
N GLY C 273 16.20 30.60 8.64
CA GLY C 273 15.40 31.16 7.55
C GLY C 273 15.96 32.41 6.93
N CYS C 274 15.50 32.70 5.72
CA CYS C 274 15.95 33.85 4.96
C CYS C 274 14.80 34.69 4.41
N PHE C 275 13.66 34.69 5.09
CA PHE C 275 12.50 35.50 4.72
C PHE C 275 12.54 36.79 5.58
N ASN C 276 11.65 37.76 5.26
CA ASN C 276 11.66 39.04 5.97
C ASN C 276 10.30 39.43 6.50
N LEU C 277 9.52 38.45 6.96
CA LEU C 277 8.20 38.76 7.52
C LEU C 277 8.27 39.30 8.93
N THR C 278 7.31 40.14 9.29
CA THR C 278 7.20 40.59 10.68
C THR C 278 6.17 39.64 11.34
N VAL C 279 6.01 39.73 12.68
CA VAL C 279 5.01 38.93 13.40
C VAL C 279 3.62 39.29 12.87
N LYS C 280 3.35 40.59 12.57
CA LYS C 280 2.06 40.98 12.00
C LYS C 280 1.86 40.38 10.60
N GLY C 281 2.92 40.32 9.81
CA GLY C 281 2.83 39.76 8.47
C GLY C 281 2.55 38.27 8.49
N HIS C 282 3.19 37.58 9.43
CA HIS C 282 3.00 36.15 9.60
C HIS C 282 1.58 35.92 10.13
N ALA C 283 1.16 36.68 11.18
CA ALA C 283 -0.17 36.51 11.81
C ALA C 283 -1.31 36.86 10.88
N LYS C 284 -1.04 37.66 9.82
CA LYS C 284 -2.09 37.98 8.83
C LYS C 284 -2.62 36.68 8.19
N CYS C 285 -1.75 35.65 8.09
CA CYS C 285 -2.16 34.35 7.55
C CYS C 285 -3.22 33.71 8.42
N VAL C 286 -3.07 33.80 9.74
CA VAL C 286 -4.05 33.26 10.67
C VAL C 286 -5.37 34.04 10.52
N GLU C 287 -5.27 35.37 10.42
CA GLU C 287 -6.44 36.23 10.27
C GLU C 287 -7.23 35.87 9.02
N VAL C 288 -6.55 35.70 7.88
CA VAL C 288 -7.21 35.36 6.63
C VAL C 288 -7.92 34.02 6.74
N VAL C 289 -7.22 33.02 7.31
CA VAL C 289 -7.82 31.70 7.48
C VAL C 289 -9.08 31.75 8.35
N LYS C 290 -9.05 32.52 9.44
CA LYS C 290 -10.19 32.66 10.34
C LYS C 290 -11.45 33.21 9.67
N THR C 291 -11.29 34.09 8.66
CA THR C 291 -12.44 34.68 7.96
C THR C 291 -13.37 33.66 7.30
N PHE C 292 -12.89 32.45 7.07
CA PHE C 292 -13.71 31.42 6.44
C PHE C 292 -14.60 30.65 7.45
N ASN C 293 -14.47 30.92 8.75
CA ASN C 293 -15.29 30.33 9.81
C ASN C 293 -15.38 28.79 9.75
N LEU C 294 -14.22 28.13 9.61
CA LEU C 294 -14.20 26.66 9.58
C LEU C 294 -13.46 26.13 10.81
N PRO C 295 -13.76 24.88 11.25
CA PRO C 295 -12.97 24.30 12.37
C PRO C 295 -11.48 24.37 12.01
N LEU C 296 -10.65 24.85 12.95
CA LEU C 296 -9.26 25.10 12.67
C LEU C 296 -8.30 24.58 13.72
N LEU C 297 -7.29 23.83 13.27
CA LEU C 297 -6.27 23.30 14.17
C LEU C 297 -5.00 24.09 13.82
N MET C 298 -4.50 24.90 14.77
CA MET C 298 -3.28 25.70 14.58
C MET C 298 -2.12 24.98 15.26
N LEU C 299 -1.05 24.73 14.50
CA LEU C 299 0.12 24.00 14.97
C LEU C 299 1.40 24.83 14.85
N GLY C 300 2.42 24.44 15.61
CA GLY C 300 3.72 25.10 15.53
C GLY C 300 4.51 24.60 14.34
N GLY C 301 5.81 24.47 14.50
CA GLY C 301 6.69 24.03 13.45
C GLY C 301 8.07 24.61 13.69
N GLY C 302 8.72 25.10 12.64
CA GLY C 302 10.04 25.69 12.77
C GLY C 302 10.03 27.01 13.51
N GLY C 303 11.21 27.60 13.67
CA GLY C 303 11.35 28.87 14.40
C GLY C 303 12.59 28.68 15.25
N TYR C 304 13.68 29.36 14.90
CA TYR C 304 14.99 29.12 15.49
C TYR C 304 15.62 30.34 16.19
N THR C 305 14.96 31.52 16.17
CA THR C 305 15.42 32.69 16.97
C THR C 305 14.30 32.65 18.00
N ILE C 306 14.52 31.93 19.11
CA ILE C 306 13.45 31.61 20.04
C ILE C 306 12.73 32.80 20.66
N ARG C 307 13.40 33.95 20.84
CA ARG C 307 12.66 35.10 21.39
C ARG C 307 11.59 35.58 20.37
N ASN C 308 11.84 35.42 19.06
CA ASN C 308 10.87 35.82 18.04
C ASN C 308 9.77 34.79 17.88
N VAL C 309 10.06 33.51 18.13
CA VAL C 309 9.03 32.45 18.09
C VAL C 309 8.03 32.72 19.22
N ALA C 310 8.54 33.05 20.42
CA ALA C 310 7.67 33.35 21.56
C ALA C 310 6.72 34.52 21.24
N ARG C 311 7.25 35.56 20.60
CA ARG C 311 6.42 36.72 20.21
C ARG C 311 5.38 36.33 19.16
N CYS C 312 5.82 35.60 18.13
CA CYS C 312 4.96 35.19 17.03
C CYS C 312 3.78 34.34 17.48
N TRP C 313 4.06 33.25 18.23
CA TRP C 313 3.00 32.36 18.65
C TRP C 313 2.12 32.98 19.75
N THR C 314 2.68 33.92 20.55
CA THR C 314 1.85 34.62 21.54
C THR C 314 0.85 35.50 20.78
N TYR C 315 1.33 36.24 19.77
CA TYR C 315 0.45 37.10 18.98
C TYR C 315 -0.58 36.30 18.20
N GLU C 316 -0.17 35.14 17.66
CA GLU C 316 -1.11 34.29 16.90
C GLU C 316 -2.17 33.65 17.83
N THR C 317 -1.86 33.46 19.12
CA THR C 317 -2.84 32.93 20.07
C THR C 317 -3.86 34.07 20.35
N ALA C 318 -3.39 35.32 20.46
CA ALA C 318 -4.25 36.49 20.66
C ALA C 318 -5.15 36.65 19.43
N VAL C 319 -4.62 36.40 18.21
CA VAL C 319 -5.42 36.49 16.97
C VAL C 319 -6.52 35.42 17.03
N ALA C 320 -6.18 34.18 17.43
CA ALA C 320 -7.18 33.11 17.55
C ALA C 320 -8.31 33.52 18.51
N LEU C 321 -7.95 34.17 19.62
CA LEU C 321 -8.91 34.63 20.62
C LEU C 321 -9.59 35.98 20.24
N ASP C 322 -9.17 36.63 19.14
CA ASP C 322 -9.67 37.95 18.71
C ASP C 322 -9.50 38.95 19.88
N CYS C 323 -8.35 38.88 20.54
CA CYS C 323 -8.02 39.73 21.68
CA CYS C 323 -8.01 39.72 21.67
C CYS C 323 -6.84 40.62 21.35
N GLU C 324 -7.04 41.94 21.38
CA GLU C 324 -5.94 42.85 21.11
C GLU C 324 -5.02 42.82 22.34
N ILE C 325 -3.69 42.79 22.12
CA ILE C 325 -2.72 42.79 23.22
C ILE C 325 -1.72 43.94 22.98
N PRO C 326 -1.28 44.63 24.05
CA PRO C 326 -0.34 45.74 23.84
C PRO C 326 1.05 45.35 23.34
N ASN C 327 1.71 46.28 22.64
CA ASN C 327 3.06 46.08 22.13
C ASN C 327 4.07 45.94 23.29
N GLU C 328 3.78 46.55 24.45
CA GLU C 328 4.65 46.47 25.61
C GLU C 328 4.51 45.09 26.21
N LEU C 329 5.60 44.31 26.26
CA LEU C 329 5.53 42.97 26.83
C LEU C 329 5.25 43.04 28.30
N PRO C 330 4.40 42.15 28.82
CA PRO C 330 4.17 42.15 30.27
C PRO C 330 5.39 41.53 30.93
N TYR C 331 5.46 41.65 32.27
CA TYR C 331 6.55 41.03 33.01
C TYR C 331 6.37 39.50 32.87
N ASN C 332 7.46 38.76 32.75
CA ASN C 332 7.40 37.31 32.58
C ASN C 332 8.72 36.66 33.02
N ASP C 333 8.74 35.32 33.12
CA ASP C 333 9.92 34.56 33.55
C ASP C 333 11.13 34.74 32.68
N TYR C 334 10.95 35.21 31.43
CA TYR C 334 12.07 35.37 30.50
C TYR C 334 12.20 36.81 30.02
N PHE C 335 11.70 37.79 30.82
CA PHE C 335 11.68 39.20 30.46
C PHE C 335 13.00 39.71 29.90
N GLU C 336 14.10 39.40 30.58
CA GLU C 336 15.44 39.81 30.17
C GLU C 336 15.78 39.40 28.72
N TYR C 337 15.28 38.25 28.26
CA TYR C 337 15.55 37.72 26.90
C TYR C 337 15.01 38.66 25.80
N PHE C 338 14.06 39.55 26.12
CA PHE C 338 13.47 40.45 25.14
C PHE C 338 14.02 41.87 25.12
N GLY C 339 15.13 42.10 25.79
CA GLY C 339 15.75 43.41 25.86
C GLY C 339 16.48 43.84 24.60
N PRO C 340 16.84 45.14 24.47
CA PRO C 340 16.64 46.23 25.43
C PRO C 340 15.33 47.00 25.30
N ASP C 341 14.49 46.68 24.28
CA ASP C 341 13.23 47.41 24.10
C ASP C 341 12.00 46.73 24.70
N PHE C 342 12.04 45.40 24.88
CA PHE C 342 10.95 44.66 25.50
C PHE C 342 9.59 44.83 24.82
N LYS C 343 9.57 44.79 23.47
CA LYS C 343 8.32 44.95 22.71
C LYS C 343 7.91 43.62 22.06
N LEU C 344 6.63 43.49 21.71
CA LEU C 344 6.10 42.29 21.07
C LEU C 344 6.43 42.26 19.58
N HIS C 345 6.26 43.38 18.89
CA HIS C 345 6.47 43.43 17.46
C HIS C 345 7.91 43.73 17.05
N ILE C 346 8.33 43.11 15.96
CA ILE C 346 9.68 43.28 15.43
C ILE C 346 9.66 44.10 14.15
N SER C 347 10.79 44.70 13.83
CA SER C 347 10.92 45.46 12.60
C SER C 347 11.59 44.55 11.60
N PRO C 348 11.18 44.61 10.31
CA PRO C 348 11.87 43.79 9.31
C PRO C 348 13.29 44.32 9.10
N SER C 349 14.13 43.50 8.48
CA SER C 349 15.51 43.89 8.19
C SER C 349 15.53 44.65 6.84
N ASN C 350 16.71 45.13 6.40
CA ASN C 350 16.83 45.80 5.12
C ASN C 350 17.26 44.83 4.01
N MET C 351 17.08 43.50 4.20
CA MET C 351 17.48 42.54 3.19
C MET C 351 16.68 42.72 1.90
N THR C 352 17.34 42.43 0.79
CA THR C 352 16.74 42.56 -0.52
C THR C 352 15.71 41.46 -0.76
N ASN C 353 14.54 41.84 -1.27
CA ASN C 353 13.50 40.88 -1.59
C ASN C 353 13.87 40.38 -2.97
N GLN C 354 14.30 39.10 -3.08
CA GLN C 354 14.70 38.51 -4.35
C GLN C 354 13.53 38.02 -5.22
N ASN C 355 12.29 38.17 -4.73
CA ASN C 355 11.09 37.78 -5.47
C ASN C 355 10.63 39.00 -6.22
N THR C 356 10.89 39.03 -7.53
CA THR C 356 10.47 40.19 -8.31
C THR C 356 8.95 40.16 -8.50
N PRO C 357 8.32 41.32 -8.76
CA PRO C 357 6.90 41.33 -9.09
C PRO C 357 6.56 40.38 -10.26
N GLU C 358 7.42 40.35 -11.28
CA GLU C 358 7.23 39.46 -12.43
C GLU C 358 7.20 37.99 -12.00
N TYR C 359 8.15 37.61 -11.13
CA TYR C 359 8.25 36.22 -10.68
C TYR C 359 7.00 35.85 -9.90
N MET C 360 6.61 36.68 -8.94
CA MET C 360 5.44 36.39 -8.11
C MET C 360 4.17 36.28 -8.94
N GLU C 361 4.00 37.17 -9.93
CA GLU C 361 2.81 37.12 -10.77
C GLU C 361 2.79 35.84 -11.61
N LYS C 362 3.94 35.38 -12.09
CA LYS C 362 4.04 34.16 -12.90
C LYS C 362 3.62 32.93 -12.07
N ILE C 363 4.11 32.83 -10.82
CA ILE C 363 3.76 31.70 -9.96
C ILE C 363 2.25 31.75 -9.63
N LYS C 364 1.75 32.92 -9.23
CA LYS C 364 0.33 33.08 -8.89
C LYS C 364 -0.56 32.70 -10.07
N GLN C 365 -0.17 33.11 -11.30
CA GLN C 365 -0.98 32.76 -12.47
C GLN C 365 -1.01 31.25 -12.71
N ARG C 366 0.12 30.59 -12.55
CA ARG C 366 0.18 29.13 -12.71
C ARG C 366 -0.71 28.45 -11.67
N LEU C 367 -0.66 28.90 -10.40
CA LEU C 367 -1.48 28.28 -9.36
C LEU C 367 -2.97 28.49 -9.63
N PHE C 368 -3.34 29.67 -10.16
CA PHE C 368 -4.73 29.93 -10.50
C PHE C 368 -5.17 29.01 -11.64
N GLU C 369 -4.28 28.75 -12.61
CA GLU C 369 -4.59 27.84 -13.71
C GLU C 369 -4.82 26.42 -13.20
N ASN C 370 -3.97 25.97 -12.26
CA ASN C 370 -4.11 24.62 -11.68
C ASN C 370 -5.40 24.53 -10.86
N LEU C 371 -5.72 25.59 -10.11
CA LEU C 371 -6.94 25.61 -9.30
C LEU C 371 -8.21 25.57 -10.14
N ARG C 372 -8.17 26.10 -11.38
N ARG C 372 -8.16 26.10 -11.39
CA ARG C 372 -9.33 26.07 -12.27
CA ARG C 372 -9.33 26.06 -12.28
C ARG C 372 -9.64 24.62 -12.74
C ARG C 372 -9.65 24.62 -12.71
N MET C 373 -8.64 23.73 -12.73
CA MET C 373 -8.79 22.33 -13.12
C MET C 373 -9.31 21.43 -12.01
N LEU C 374 -9.53 21.97 -10.80
CA LEU C 374 -10.03 21.20 -9.68
C LEU C 374 -11.43 20.70 -9.99
N PRO C 375 -11.64 19.36 -9.97
CA PRO C 375 -12.97 18.82 -10.24
C PRO C 375 -14.02 19.39 -9.28
N HIS C 376 -14.88 20.28 -9.80
CA HIS C 376 -15.93 20.94 -9.02
C HIS C 376 -17.30 20.81 -9.71
#